data_7H9D
#
_entry.id   7H9D
#
_cell.length_a   87.680
_cell.length_b   87.680
_cell.length_c   85.620
_cell.angle_alpha   90.00
_cell.angle_beta   90.00
_cell.angle_gamma   120.00
#
_symmetry.space_group_name_H-M   'P 31'
#
loop_
_entity.id
_entity.type
_entity.pdbx_description
1 polymer 'Non-structural protein 3'
2 non-polymer 'DIMETHYL SULFOXIDE'
3 non-polymer 2-AMINO-2-HYDROXYMETHYL-PROPANE-1,3-DIOL
4 non-polymer 'CHLORIDE ION'
5 non-polymer 4-(1H-imidazol-2-yl)pyridine
6 water water
#
_entity_poly.entity_id   1
_entity_poly.type   'polypeptide(L)'
_entity_poly.pdbx_seq_one_letter_code
;GAMAPSYRVKRMDIAKNDEECVVNAANPRGLPGDGVCKAVYKKWPESFKNSATPVGTAKTVMCGTYPVIHAVGPNFSNYT
ESEGDRELAAAYREVAKEVTRLGVNSVAIPLLSTGVYSGGKDRLTQSLNHLFTAMDSTDADVVIYCRDKEWEKKISEAIQ
MRT
;
_entity_poly.pdbx_strand_id   A,B,C,D
#
loop_
_chem_comp.id
_chem_comp.type
_chem_comp.name
_chem_comp.formula
4FL non-polymer 4-(1H-imidazol-2-yl)pyridine 'C8 H7 N3'
CL non-polymer 'CHLORIDE ION' 'Cl -1'
DMS non-polymer 'DIMETHYL SULFOXIDE' 'C2 H6 O S'
TRS non-polymer 2-AMINO-2-HYDROXYMETHYL-PROPANE-1,3-DIOL 'C4 H12 N O3 1'
#
# COMPACT_ATOMS: atom_id res chain seq x y z
N GLY A 1 2.15 -23.47 -6.79
CA GLY A 1 3.39 -23.44 -7.63
C GLY A 1 3.14 -22.83 -9.00
N ALA A 2 4.20 -22.52 -9.74
CA ALA A 2 4.07 -21.98 -11.12
C ALA A 2 3.73 -23.14 -12.05
N MET A 3 3.01 -22.90 -13.15
CA MET A 3 2.54 -23.98 -14.07
C MET A 3 3.74 -24.71 -14.70
N ALA A 4 4.76 -23.96 -15.08
CA ALA A 4 6.00 -24.48 -15.71
C ALA A 4 7.17 -23.74 -15.07
N PRO A 5 7.52 -24.11 -13.83
CA PRO A 5 8.54 -23.35 -13.07
C PRO A 5 9.80 -23.03 -13.91
N SER A 6 10.29 -21.78 -13.88
CA SER A 6 11.35 -21.25 -14.77
C SER A 6 12.36 -20.46 -13.95
N TYR A 7 13.54 -20.19 -14.53
CA TYR A 7 14.50 -19.15 -14.06
C TYR A 7 14.57 -18.06 -15.12
N ARG A 8 14.61 -16.81 -14.68
CA ARG A 8 14.76 -15.63 -15.54
C ARG A 8 15.78 -14.72 -14.86
N VAL A 9 16.36 -13.82 -15.62
CA VAL A 9 17.26 -12.78 -15.07
C VAL A 9 16.81 -11.43 -15.60
N LYS A 10 16.81 -10.42 -14.75
CA LYS A 10 16.52 -9.03 -15.19
C LYS A 10 17.60 -8.11 -14.64
N ARG A 11 17.96 -7.11 -15.43
CA ARG A 11 18.94 -6.08 -15.01
C ARG A 11 18.17 -4.84 -14.61
N MET A 12 17.82 -4.73 -13.32
CA MET A 12 17.07 -3.58 -12.77
C MET A 12 17.07 -3.69 -11.25
N ASP A 13 16.54 -2.65 -10.62
CA ASP A 13 16.41 -2.57 -9.14
C ASP A 13 15.40 -3.61 -8.63
N ILE A 14 15.85 -4.55 -7.80
CA ILE A 14 14.96 -5.60 -7.19
C ILE A 14 13.80 -4.95 -6.40
N ALA A 15 13.96 -3.72 -5.89
CA ALA A 15 12.87 -2.94 -5.26
C ALA A 15 11.67 -2.71 -6.18
N LYS A 16 11.80 -2.84 -7.51
CA LYS A 16 10.74 -2.65 -8.52
C LYS A 16 10.32 -4.00 -9.12
N ASN A 17 10.59 -5.11 -8.40
CA ASN A 17 10.26 -6.46 -8.91
C ASN A 17 8.76 -6.64 -9.16
N ASP A 18 8.44 -7.64 -9.98
CA ASP A 18 7.07 -8.03 -10.36
C ASP A 18 6.80 -9.44 -9.85
N GLU A 19 7.38 -9.82 -8.72
CA GLU A 19 7.16 -11.16 -8.12
C GLU A 19 6.35 -11.08 -6.82
N GLU A 20 5.92 -12.22 -6.31
CA GLU A 20 5.02 -12.33 -5.14
C GLU A 20 5.80 -12.15 -3.82
N CYS A 21 7.12 -12.18 -3.87
CA CYS A 21 7.97 -11.96 -2.68
C CYS A 21 9.39 -11.62 -3.13
N VAL A 22 10.18 -11.04 -2.22
CA VAL A 22 11.56 -10.55 -2.49
C VAL A 22 12.52 -11.18 -1.47
N VAL A 23 13.71 -11.52 -1.92
CA VAL A 23 14.85 -11.87 -1.02
C VAL A 23 15.74 -10.63 -0.87
N ASN A 24 15.98 -10.24 0.37
CA ASN A 24 16.90 -9.14 0.73
C ASN A 24 18.28 -9.80 0.93
N ALA A 25 19.33 -9.21 0.37
CA ALA A 25 20.71 -9.52 0.73
C ALA A 25 21.01 -8.74 2.00
N ALA A 26 20.58 -9.30 3.12
CA ALA A 26 20.56 -8.62 4.42
C ALA A 26 21.94 -8.68 5.09
N ASN A 27 22.09 -7.82 6.10
CA ASN A 27 23.16 -7.97 7.12
C ASN A 27 22.59 -8.64 8.37
N PRO A 28 23.45 -9.25 9.21
CA PRO A 28 22.95 -10.01 10.35
C PRO A 28 22.20 -9.18 11.42
N ARG A 29 22.38 -7.86 11.44
CA ARG A 29 21.85 -6.99 12.52
C ARG A 29 20.55 -6.32 12.12
N GLY A 30 20.05 -6.55 10.91
CA GLY A 30 18.78 -5.94 10.48
C GLY A 30 18.95 -4.46 10.22
N LEU A 31 20.16 -4.01 9.87
CA LEU A 31 20.44 -2.58 9.60
C LEU A 31 20.08 -2.24 8.16
N PRO A 32 19.77 -0.96 7.88
CA PRO A 32 19.51 -0.52 6.51
C PRO A 32 20.63 -0.84 5.51
N GLY A 33 21.90 -0.81 5.93
CA GLY A 33 23.03 -1.28 5.10
C GLY A 33 23.23 -0.49 3.81
N ASP A 34 23.76 -1.12 2.76
CA ASP A 34 24.01 -0.48 1.45
C ASP A 34 23.54 -1.39 0.31
N GLY A 35 23.63 -0.90 -0.93
CA GLY A 35 23.30 -1.67 -2.15
C GLY A 35 21.87 -2.18 -2.11
N VAL A 36 21.69 -3.49 -2.35
CA VAL A 36 20.32 -4.12 -2.41
C VAL A 36 19.64 -3.84 -1.05
N CYS A 37 20.34 -4.04 0.06
CA CYS A 37 19.75 -3.97 1.40
C CYS A 37 19.14 -2.56 1.59
N LYS A 38 19.81 -1.52 1.09
CA LYS A 38 19.36 -0.11 1.28
C LYS A 38 18.08 0.16 0.46
N ALA A 39 18.04 -0.36 -0.77
CA ALA A 39 16.88 -0.20 -1.69
C ALA A 39 15.68 -0.91 -1.09
N VAL A 40 15.93 -2.07 -0.48
CA VAL A 40 14.86 -2.87 0.20
C VAL A 40 14.38 -2.09 1.41
N TYR A 41 15.29 -1.47 2.16
CA TYR A 41 14.90 -0.68 3.35
C TYR A 41 14.02 0.51 2.92
N LYS A 42 14.35 1.17 1.81
CA LYS A 42 13.59 2.36 1.32
C LYS A 42 12.18 1.92 0.86
N LYS A 43 12.06 0.72 0.28
CA LYS A 43 10.80 0.23 -0.32
C LYS A 43 9.90 -0.46 0.71
N TRP A 44 10.45 -1.23 1.64
CA TRP A 44 9.73 -2.07 2.62
C TRP A 44 10.30 -1.87 4.04
N PRO A 45 10.40 -0.63 4.56
CA PRO A 45 11.03 -0.40 5.86
C PRO A 45 10.39 -1.16 7.02
N GLU A 46 9.06 -1.39 6.96
CA GLU A 46 8.31 -2.13 7.99
C GLU A 46 8.86 -3.56 8.11
N SER A 47 9.46 -4.10 7.04
CA SER A 47 9.99 -5.48 7.03
C SER A 47 11.25 -5.60 7.87
N PHE A 48 11.81 -4.50 8.37
CA PHE A 48 13.05 -4.56 9.17
C PHE A 48 12.74 -4.59 10.67
N LYS A 49 11.49 -4.73 11.06
CA LYS A 49 11.15 -5.04 12.48
C LYS A 49 11.61 -6.45 12.88
N ASN A 50 12.57 -6.57 13.81
CA ASN A 50 13.08 -7.89 14.28
C ASN A 50 13.52 -8.74 13.08
N SER A 51 14.22 -8.15 12.13
CA SER A 51 14.78 -8.91 10.98
C SER A 51 16.18 -9.47 11.27
N ALA A 52 16.88 -9.05 12.33
CA ALA A 52 18.24 -9.54 12.64
C ALA A 52 18.22 -11.09 12.74
N THR A 53 19.22 -11.75 12.12
CA THR A 53 19.30 -13.22 11.99
C THR A 53 20.75 -13.59 11.69
N PRO A 54 21.26 -14.77 12.12
CA PRO A 54 22.68 -15.08 11.91
C PRO A 54 23.07 -15.29 10.46
N VAL A 55 24.37 -15.33 10.22
CA VAL A 55 24.92 -15.67 8.87
C VAL A 55 24.44 -17.09 8.53
N GLY A 56 24.04 -17.28 7.28
CA GLY A 56 23.68 -18.61 6.78
C GLY A 56 22.21 -18.96 7.02
N THR A 57 21.40 -17.99 7.42
CA THR A 57 19.97 -18.16 7.73
C THR A 57 19.15 -17.15 6.96
N ALA A 58 17.84 -17.34 6.96
CA ALA A 58 16.86 -16.46 6.32
C ALA A 58 15.71 -16.29 7.31
N LYS A 59 15.21 -15.07 7.38
CA LYS A 59 14.08 -14.69 8.27
C LYS A 59 13.13 -13.83 7.46
N THR A 60 11.85 -14.24 7.38
CA THR A 60 10.81 -13.51 6.64
C THR A 60 10.05 -12.56 7.57
N VAL A 61 9.88 -11.33 7.15
CA VAL A 61 9.02 -10.34 7.84
C VAL A 61 8.10 -9.77 6.78
N MET A 62 6.80 -9.67 7.10
N MET A 62 6.80 -9.70 7.10
CA MET A 62 5.75 -9.19 6.17
CA MET A 62 5.76 -9.15 6.20
C MET A 62 5.74 -7.67 6.16
C MET A 62 5.89 -7.64 6.16
N CYS A 63 5.74 -7.04 4.98
CA CYS A 63 5.43 -5.61 4.79
C CYS A 63 3.99 -5.59 4.24
N GLY A 64 3.00 -5.28 5.08
CA GLY A 64 1.58 -5.56 4.77
C GLY A 64 1.37 -7.05 4.56
N THR A 65 1.02 -7.51 3.35
CA THR A 65 0.97 -8.96 3.04
C THR A 65 2.11 -9.37 2.11
N TYR A 66 3.08 -8.50 1.86
CA TYR A 66 4.19 -8.79 0.92
C TYR A 66 5.36 -9.34 1.72
N PRO A 67 5.79 -10.61 1.52
CA PRO A 67 6.91 -11.16 2.29
C PRO A 67 8.28 -10.66 1.83
N VAL A 68 9.08 -10.22 2.80
CA VAL A 68 10.52 -9.90 2.60
C VAL A 68 11.32 -10.99 3.32
N ILE A 69 12.07 -11.78 2.56
CA ILE A 69 12.88 -12.88 3.13
C ILE A 69 14.30 -12.27 3.25
N HIS A 70 14.71 -12.00 4.47
CA HIS A 70 16.07 -11.49 4.82
C HIS A 70 17.04 -12.65 4.84
N ALA A 71 17.88 -12.79 3.80
CA ALA A 71 18.88 -13.87 3.67
C ALA A 71 20.26 -13.28 3.94
N VAL A 72 20.96 -13.85 4.92
CA VAL A 72 22.29 -13.32 5.36
C VAL A 72 23.41 -14.22 4.80
N GLY A 73 24.00 -13.77 3.69
CA GLY A 73 25.21 -14.39 3.12
C GLY A 73 26.42 -13.97 3.95
N PRO A 74 27.49 -14.79 3.93
CA PRO A 74 28.74 -14.44 4.60
C PRO A 74 29.46 -13.25 3.93
N ASN A 75 30.17 -12.48 4.75
CA ASN A 75 31.13 -11.45 4.27
C ASN A 75 32.48 -12.16 4.10
N PHE A 76 32.93 -12.34 2.87
CA PHE A 76 34.17 -13.10 2.57
C PHE A 76 35.41 -12.30 3.03
N SER A 77 35.27 -11.06 3.44
CA SER A 77 36.36 -10.35 4.19
C SER A 77 36.63 -11.04 5.54
N ASN A 78 35.60 -11.62 6.19
CA ASN A 78 35.70 -12.16 7.57
C ASN A 78 35.90 -13.67 7.54
N TYR A 79 35.30 -14.37 6.57
CA TYR A 79 35.27 -15.86 6.50
C TYR A 79 36.42 -16.36 5.63
N THR A 80 36.93 -17.54 5.93
CA THR A 80 37.80 -18.31 5.01
C THR A 80 36.97 -18.69 3.78
N GLU A 81 37.62 -18.95 2.64
CA GLU A 81 36.93 -19.42 1.41
C GLU A 81 36.05 -20.63 1.74
N SER A 82 36.57 -21.58 2.48
CA SER A 82 35.88 -22.84 2.80
C SER A 82 34.64 -22.57 3.68
N GLU A 83 34.79 -21.79 4.74
CA GLU A 83 33.65 -21.55 5.68
C GLU A 83 32.61 -20.64 5.03
N GLY A 84 33.06 -19.67 4.24
CA GLY A 84 32.21 -18.74 3.49
C GLY A 84 31.37 -19.51 2.50
N ASP A 85 31.99 -20.46 1.82
CA ASP A 85 31.28 -21.28 0.80
C ASP A 85 30.16 -22.07 1.48
N ARG A 86 30.41 -22.66 2.66
CA ARG A 86 29.43 -23.45 3.43
C ARG A 86 28.24 -22.53 3.84
N GLU A 87 28.54 -21.35 4.39
CA GLU A 87 27.47 -20.43 4.86
C GLU A 87 26.67 -19.88 3.66
N LEU A 88 27.30 -19.66 2.51
CA LEU A 88 26.61 -19.13 1.31
C LEU A 88 25.60 -20.18 0.78
N ALA A 89 26.04 -21.42 0.67
CA ALA A 89 25.15 -22.58 0.38
C ALA A 89 24.01 -22.64 1.39
N ALA A 90 24.28 -22.51 2.69
CA ALA A 90 23.25 -22.59 3.74
C ALA A 90 22.20 -21.47 3.57
N ALA A 91 22.61 -20.21 3.40
CA ALA A 91 21.65 -19.08 3.27
C ALA A 91 20.64 -19.42 2.16
N TYR A 92 21.12 -19.91 1.01
CA TYR A 92 20.19 -20.24 -0.11
C TYR A 92 19.30 -21.44 0.26
N ARG A 93 19.79 -22.46 0.97
CA ARG A 93 18.87 -23.56 1.41
C ARG A 93 17.77 -22.99 2.30
N GLU A 94 18.07 -22.01 3.17
CA GLU A 94 17.02 -21.42 4.06
C GLU A 94 16.05 -20.59 3.21
N VAL A 95 16.52 -19.92 2.15
CA VAL A 95 15.63 -19.20 1.21
C VAL A 95 14.61 -20.19 0.60
N ALA A 96 15.07 -21.32 0.14
CA ALA A 96 14.20 -22.37 -0.49
C ALA A 96 13.13 -22.83 0.49
N LYS A 97 13.47 -23.06 1.77
CA LYS A 97 12.49 -23.43 2.84
C LYS A 97 11.45 -22.32 3.00
N GLU A 98 11.87 -21.04 3.07
CA GLU A 98 10.92 -19.92 3.28
C GLU A 98 9.98 -19.77 2.08
N VAL A 99 10.52 -19.78 0.86
CA VAL A 99 9.71 -19.66 -0.38
C VAL A 99 8.66 -20.79 -0.39
N THR A 100 9.05 -21.98 0.04
CA THR A 100 8.12 -23.16 0.05
C THR A 100 7.05 -22.91 1.11
N ARG A 101 7.46 -22.53 2.31
CA ARG A 101 6.52 -22.29 3.43
C ARG A 101 5.46 -21.25 3.03
N LEU A 102 5.86 -20.18 2.35
CA LEU A 102 4.99 -19.03 2.06
C LEU A 102 3.97 -19.43 0.99
N GLY A 103 4.25 -20.44 0.17
CA GLY A 103 3.33 -20.94 -0.89
C GLY A 103 3.25 -19.97 -2.05
N VAL A 104 4.24 -19.08 -2.21
CA VAL A 104 4.29 -18.11 -3.34
C VAL A 104 4.53 -18.85 -4.67
N ASN A 105 4.11 -18.26 -5.77
CA ASN A 105 4.34 -18.81 -7.11
C ASN A 105 5.54 -18.16 -7.78
N SER A 106 6.13 -17.14 -7.17
CA SER A 106 7.27 -16.42 -7.79
C SER A 106 8.06 -15.73 -6.67
N VAL A 107 9.34 -15.54 -6.92
CA VAL A 107 10.29 -14.88 -5.98
C VAL A 107 11.34 -14.11 -6.78
N ALA A 108 11.67 -12.90 -6.32
CA ALA A 108 12.78 -12.06 -6.81
C ALA A 108 13.97 -12.28 -5.88
N ILE A 109 15.14 -12.58 -6.44
N ILE A 109 15.12 -12.64 -6.45
CA ILE A 109 16.35 -12.97 -5.66
CA ILE A 109 16.36 -12.98 -5.68
C ILE A 109 17.61 -12.31 -6.24
C ILE A 109 17.56 -12.23 -6.25
N PRO A 110 18.45 -11.68 -5.38
CA PRO A 110 19.76 -11.17 -5.80
C PRO A 110 20.81 -12.29 -5.63
N LEU A 111 22.01 -12.13 -6.21
CA LEU A 111 23.12 -13.10 -5.93
C LEU A 111 23.81 -12.67 -4.63
N LEU A 112 23.61 -13.48 -3.61
CA LEU A 112 24.14 -13.23 -2.27
C LEU A 112 25.65 -13.24 -2.30
N SER A 113 26.22 -12.38 -1.47
CA SER A 113 27.69 -12.28 -1.24
C SER A 113 28.48 -11.91 -2.52
N THR A 114 27.92 -11.26 -3.51
CA THR A 114 28.61 -10.88 -4.77
C THR A 114 28.96 -9.38 -4.80
N GLY A 115 28.44 -8.59 -3.87
CA GLY A 115 28.70 -7.14 -3.80
C GLY A 115 29.78 -6.83 -2.76
N VAL A 116 29.43 -6.05 -1.74
CA VAL A 116 30.41 -5.62 -0.72
C VAL A 116 30.76 -6.79 0.21
N TYR A 117 30.03 -7.90 0.19
CA TYR A 117 30.42 -9.11 0.95
C TYR A 117 31.32 -10.06 0.14
N SER A 118 31.74 -9.71 -1.06
CA SER A 118 32.46 -10.64 -1.98
C SER A 118 33.95 -10.76 -1.57
N GLY A 119 34.41 -9.90 -0.65
CA GLY A 119 35.86 -9.85 -0.30
C GLY A 119 36.72 -9.53 -1.54
N GLY A 120 36.18 -8.70 -2.44
CA GLY A 120 36.80 -8.21 -3.68
C GLY A 120 37.00 -9.22 -4.80
N LYS A 121 36.26 -10.34 -4.77
CA LYS A 121 36.35 -11.43 -5.78
C LYS A 121 35.07 -11.47 -6.62
N ASP A 122 35.17 -12.01 -7.84
CA ASP A 122 34.01 -12.23 -8.74
C ASP A 122 33.42 -13.56 -8.28
N ARG A 123 32.20 -13.55 -7.70
CA ARG A 123 31.60 -14.79 -7.16
C ARG A 123 30.29 -15.10 -7.90
N LEU A 124 30.10 -14.57 -9.11
CA LEU A 124 28.87 -14.80 -9.92
C LEU A 124 28.58 -16.31 -9.96
N THR A 125 29.52 -17.11 -10.49
CA THR A 125 29.35 -18.57 -10.72
C THR A 125 29.12 -19.26 -9.37
N GLN A 126 29.91 -18.92 -8.36
CA GLN A 126 29.82 -19.58 -7.04
C GLN A 126 28.43 -19.35 -6.45
N SER A 127 27.98 -18.09 -6.43
CA SER A 127 26.71 -17.71 -5.77
C SER A 127 25.54 -18.28 -6.59
N LEU A 128 25.59 -18.11 -7.91
CA LEU A 128 24.53 -18.64 -8.82
C LEU A 128 24.36 -20.16 -8.65
N ASN A 129 25.45 -20.92 -8.55
CA ASN A 129 25.34 -22.40 -8.50
C ASN A 129 24.71 -22.78 -7.18
N HIS A 130 25.03 -22.06 -6.08
CA HIS A 130 24.41 -22.36 -4.77
C HIS A 130 22.91 -21.98 -4.83
N LEU A 131 22.56 -20.95 -5.57
CA LEU A 131 21.16 -20.53 -5.77
C LEU A 131 20.44 -21.69 -6.48
N PHE A 132 21.02 -22.19 -7.55
CA PHE A 132 20.39 -23.32 -8.29
C PHE A 132 20.27 -24.56 -7.39
N THR A 133 21.34 -24.94 -6.68
CA THR A 133 21.30 -26.16 -5.82
C THR A 133 20.08 -26.07 -4.88
N ALA A 134 19.79 -24.89 -4.34
CA ALA A 134 18.69 -24.71 -3.36
C ALA A 134 17.32 -24.65 -4.05
N MET A 135 17.20 -23.88 -5.12
CA MET A 135 15.88 -23.54 -5.68
C MET A 135 15.42 -24.60 -6.71
N ASP A 136 16.29 -25.47 -7.20
CA ASP A 136 15.90 -26.42 -8.28
C ASP A 136 14.72 -27.30 -7.86
N SER A 137 14.62 -27.67 -6.59
CA SER A 137 13.54 -28.54 -6.08
C SER A 137 12.29 -27.74 -5.70
N THR A 138 12.29 -26.41 -5.83
CA THR A 138 11.07 -25.59 -5.61
C THR A 138 10.32 -25.42 -6.94
N ASP A 139 9.02 -25.10 -6.86
CA ASP A 139 8.19 -24.90 -8.07
C ASP A 139 7.82 -23.42 -8.23
N ALA A 140 8.53 -22.50 -7.58
CA ALA A 140 8.28 -21.05 -7.81
C ALA A 140 9.02 -20.59 -9.08
N ASP A 141 8.46 -19.64 -9.78
CA ASP A 141 9.18 -18.89 -10.84
C ASP A 141 10.24 -18.03 -10.14
N VAL A 142 11.51 -18.25 -10.43
CA VAL A 142 12.64 -17.49 -9.83
C VAL A 142 13.07 -16.42 -10.80
N VAL A 143 13.17 -15.16 -10.34
CA VAL A 143 13.66 -14.03 -11.18
C VAL A 143 14.84 -13.42 -10.44
N ILE A 144 16.00 -13.62 -11.03
CA ILE A 144 17.30 -13.14 -10.49
C ILE A 144 17.47 -11.71 -10.93
N TYR A 145 17.81 -10.81 -10.00
CA TYR A 145 18.04 -9.38 -10.31
C TYR A 145 19.54 -9.08 -10.20
N CYS A 146 20.09 -8.36 -11.18
CA CYS A 146 21.48 -7.90 -11.20
C CYS A 146 21.49 -6.47 -11.74
N ARG A 147 22.64 -5.80 -11.69
CA ARG A 147 22.72 -4.39 -12.17
C ARG A 147 23.71 -4.23 -13.33
N ASP A 148 24.64 -5.18 -13.48
CA ASP A 148 25.76 -5.06 -14.45
C ASP A 148 25.36 -5.75 -15.75
N LYS A 149 25.57 -5.10 -16.89
CA LYS A 149 25.23 -5.67 -18.23
C LYS A 149 25.95 -7.00 -18.54
N GLU A 150 27.22 -7.13 -18.18
CA GLU A 150 28.00 -8.37 -18.48
C GLU A 150 27.59 -9.49 -17.51
N TRP A 151 27.21 -9.16 -16.27
CA TRP A 151 26.58 -10.15 -15.33
C TRP A 151 25.24 -10.66 -15.89
N GLU A 152 24.37 -9.80 -16.43
CA GLU A 152 23.08 -10.21 -17.04
C GLU A 152 23.32 -11.26 -18.15
N LYS A 153 24.23 -10.98 -19.09
CA LYS A 153 24.61 -11.94 -20.17
C LYS A 153 25.09 -13.27 -19.55
N LYS A 154 26.02 -13.23 -18.58
CA LYS A 154 26.58 -14.48 -17.99
C LYS A 154 25.54 -15.28 -17.21
N ILE A 155 24.64 -14.61 -16.46
CA ILE A 155 23.53 -15.28 -15.75
C ILE A 155 22.58 -15.91 -16.80
N SER A 156 22.23 -15.14 -17.83
CA SER A 156 21.29 -15.62 -18.87
C SER A 156 21.87 -16.87 -19.53
N GLU A 157 23.15 -16.85 -19.89
CA GLU A 157 23.82 -18.01 -20.54
C GLU A 157 23.77 -19.22 -19.61
N ALA A 158 24.02 -19.04 -18.30
CA ALA A 158 24.09 -20.17 -17.36
C ALA A 158 22.69 -20.78 -17.25
N ILE A 159 21.65 -19.94 -17.25
CA ILE A 159 20.25 -20.46 -17.19
C ILE A 159 19.94 -21.28 -18.45
N GLN A 160 20.15 -20.70 -19.64
CA GLN A 160 19.67 -21.26 -20.92
C GLN A 160 20.40 -22.60 -21.18
N MET A 161 21.65 -22.70 -20.72
CA MET A 161 22.57 -23.86 -20.94
C MET A 161 22.07 -25.11 -20.22
N ARG A 162 21.13 -24.99 -19.28
CA ARG A 162 20.56 -26.16 -18.55
C ARG A 162 19.24 -26.60 -19.20
N THR A 163 18.70 -25.80 -20.13
CA THR A 163 17.35 -25.95 -20.75
C THR A 163 17.46 -26.68 -22.09
N GLY B 1 -10.42 -4.61 -32.73
CA GLY B 1 -10.64 -3.15 -32.50
C GLY B 1 -11.72 -2.89 -31.46
N ALA B 2 -11.79 -1.67 -30.92
CA ALA B 2 -12.90 -1.23 -30.06
C ALA B 2 -14.20 -1.38 -30.87
N MET B 3 -15.30 -1.75 -30.23
CA MET B 3 -16.59 -1.96 -30.93
C MET B 3 -16.96 -0.65 -31.64
N ALA B 4 -16.71 0.49 -31.01
CA ALA B 4 -17.05 1.84 -31.52
C ALA B 4 -15.85 2.75 -31.30
N PRO B 5 -14.80 2.67 -32.16
CA PRO B 5 -13.54 3.38 -31.87
C PRO B 5 -13.78 4.82 -31.45
N SER B 6 -13.23 5.20 -30.26
CA SER B 6 -13.43 6.53 -29.63
C SER B 6 -12.09 7.17 -29.27
N TYR B 7 -12.15 8.48 -29.06
CA TYR B 7 -11.16 9.29 -28.32
C TYR B 7 -11.77 9.75 -26.98
N ARG B 8 -10.99 9.68 -25.90
CA ARG B 8 -11.34 10.29 -24.59
C ARG B 8 -10.11 11.03 -24.06
N VAL B 9 -10.31 12.01 -23.17
CA VAL B 9 -9.20 12.70 -22.47
C VAL B 9 -9.38 12.50 -20.96
N LYS B 10 -8.31 12.02 -20.29
CA LYS B 10 -8.22 11.92 -18.81
C LYS B 10 -7.12 12.85 -18.29
N ARG B 11 -7.48 13.82 -17.43
CA ARG B 11 -6.52 14.63 -16.62
C ARG B 11 -6.06 13.80 -15.43
N MET B 12 -5.06 12.96 -15.65
CA MET B 12 -4.32 12.25 -14.58
C MET B 12 -2.98 11.76 -15.11
N ASP B 13 -2.24 11.06 -14.26
CA ASP B 13 -0.90 10.49 -14.54
C ASP B 13 -1.09 9.32 -15.51
N ILE B 14 -0.43 9.38 -16.68
CA ILE B 14 -0.48 8.31 -17.71
C ILE B 14 0.04 6.99 -17.14
N ALA B 15 0.94 7.04 -16.15
CA ALA B 15 1.42 5.83 -15.44
C ALA B 15 0.24 5.09 -14.77
N LYS B 16 -0.89 5.78 -14.55
CA LYS B 16 -2.06 5.15 -13.87
C LYS B 16 -3.21 4.89 -14.87
N ASN B 17 -2.92 4.82 -16.17
CA ASN B 17 -3.96 4.54 -17.21
C ASN B 17 -4.54 3.12 -17.03
N ASP B 18 -5.80 2.95 -17.44
CA ASP B 18 -6.46 1.61 -17.53
C ASP B 18 -6.59 1.16 -19.00
N GLU B 19 -5.66 1.52 -19.91
CA GLU B 19 -5.70 1.06 -21.35
C GLU B 19 -4.73 -0.09 -21.53
N GLU B 20 -4.74 -0.75 -22.70
CA GLU B 20 -4.04 -2.04 -22.97
C GLU B 20 -2.56 -1.86 -23.35
N CYS B 21 -2.12 -0.61 -23.57
CA CYS B 21 -0.69 -0.30 -23.81
C CYS B 21 -0.52 1.19 -23.62
N VAL B 22 0.73 1.64 -23.45
CA VAL B 22 1.05 3.06 -23.19
C VAL B 22 2.09 3.58 -24.21
N VAL B 23 1.93 4.85 -24.55
CA VAL B 23 2.95 5.60 -25.34
C VAL B 23 3.77 6.45 -24.36
N ASN B 24 5.08 6.23 -24.35
CA ASN B 24 6.04 7.06 -23.58
C ASN B 24 6.47 8.23 -24.48
N ALA B 25 6.47 9.43 -23.93
CA ALA B 25 7.06 10.63 -24.54
C ALA B 25 8.56 10.52 -24.27
N ALA B 26 9.24 9.74 -25.09
CA ALA B 26 10.61 9.25 -24.83
C ALA B 26 11.68 10.28 -25.25
N ASN B 27 12.89 10.13 -24.73
CA ASN B 27 14.07 10.82 -25.29
C ASN B 27 14.78 9.83 -26.22
N PRO B 28 15.64 10.29 -27.12
CA PRO B 28 16.29 9.39 -28.10
C PRO B 28 17.24 8.34 -27.51
N ARG B 29 17.72 8.54 -26.28
CA ARG B 29 18.81 7.71 -25.71
C ARG B 29 18.23 6.69 -24.75
N GLY B 30 16.92 6.69 -24.53
CA GLY B 30 16.31 5.75 -23.58
C GLY B 30 16.72 6.05 -22.16
N LEU B 31 16.85 7.35 -21.79
CA LEU B 31 17.16 7.78 -20.42
C LEU B 31 15.85 8.00 -19.68
N PRO B 32 15.87 8.02 -18.32
CA PRO B 32 14.68 8.32 -17.52
C PRO B 32 13.99 9.67 -17.75
N GLY B 33 14.76 10.69 -18.12
CA GLY B 33 14.20 11.99 -18.56
C GLY B 33 13.27 12.64 -17.54
N ASP B 34 12.26 13.38 -17.99
CA ASP B 34 11.36 14.24 -17.16
C ASP B 34 9.90 13.96 -17.50
N GLY B 35 8.98 14.59 -16.75
CA GLY B 35 7.53 14.54 -17.01
C GLY B 35 7.03 13.13 -17.18
N VAL B 36 6.27 12.88 -18.25
CA VAL B 36 5.71 11.56 -18.61
C VAL B 36 6.81 10.49 -18.59
N CYS B 37 7.96 10.78 -19.18
CA CYS B 37 9.05 9.81 -19.33
C CYS B 37 9.49 9.32 -17.95
N LYS B 38 9.61 10.22 -16.99
CA LYS B 38 10.05 9.90 -15.62
C LYS B 38 8.97 9.02 -14.97
N ALA B 39 7.71 9.42 -15.14
CA ALA B 39 6.53 8.68 -14.64
C ALA B 39 6.56 7.27 -15.19
N VAL B 40 6.86 7.14 -16.47
CA VAL B 40 6.90 5.83 -17.17
C VAL B 40 8.10 5.05 -16.67
N TYR B 41 9.24 5.68 -16.46
CA TYR B 41 10.43 4.98 -15.92
C TYR B 41 10.13 4.49 -14.49
N LYS B 42 9.36 5.22 -13.71
CA LYS B 42 9.08 4.82 -12.30
C LYS B 42 8.14 3.61 -12.29
N LYS B 43 7.12 3.61 -13.16
CA LYS B 43 6.07 2.56 -13.23
C LYS B 43 6.59 1.31 -13.96
N TRP B 44 7.22 1.47 -15.13
CA TRP B 44 7.64 0.34 -16.01
C TRP B 44 9.13 0.37 -16.35
N PRO B 45 10.04 0.44 -15.35
CA PRO B 45 11.47 0.58 -15.63
C PRO B 45 12.01 -0.52 -16.54
N GLU B 46 11.34 -1.68 -16.56
CA GLU B 46 11.78 -2.81 -17.41
C GLU B 46 11.69 -2.42 -18.90
N SER B 47 10.77 -1.51 -19.26
CA SER B 47 10.53 -1.11 -20.68
C SER B 47 11.73 -0.34 -21.27
N PHE B 48 12.67 0.14 -20.46
CA PHE B 48 13.79 0.99 -20.98
C PHE B 48 14.96 0.18 -21.48
N LYS B 49 14.95 -1.15 -21.37
CA LYS B 49 16.03 -1.97 -22.01
C LYS B 49 16.00 -1.81 -23.53
N ASN B 50 17.13 -1.33 -24.10
CA ASN B 50 17.35 -1.05 -25.52
C ASN B 50 16.21 -0.20 -26.10
N SER B 51 15.72 0.81 -25.39
CA SER B 51 14.60 1.65 -25.86
C SER B 51 15.11 2.81 -26.73
N ALA B 52 16.42 3.05 -26.78
CA ALA B 52 16.99 4.17 -27.57
C ALA B 52 16.58 4.04 -29.05
N THR B 53 16.19 5.16 -29.69
CA THR B 53 15.65 5.21 -31.07
C THR B 53 15.66 6.67 -31.53
N PRO B 54 15.86 6.95 -32.83
CA PRO B 54 15.94 8.30 -33.33
C PRO B 54 14.66 9.15 -33.18
N VAL B 55 14.85 10.45 -33.31
CA VAL B 55 13.71 11.42 -33.32
C VAL B 55 12.80 11.05 -34.50
N GLY B 56 11.50 11.11 -34.30
CA GLY B 56 10.54 10.81 -35.36
C GLY B 56 10.15 9.35 -35.45
N THR B 57 10.59 8.51 -34.54
CA THR B 57 10.38 7.04 -34.54
C THR B 57 9.81 6.58 -33.22
N ALA B 58 9.28 5.36 -33.24
CA ALA B 58 8.70 4.69 -32.08
C ALA B 58 9.31 3.29 -31.99
N LYS B 59 9.67 2.88 -30.79
CA LYS B 59 10.24 1.54 -30.50
C LYS B 59 9.49 0.95 -29.31
N THR B 60 8.88 -0.20 -29.52
CA THR B 60 8.09 -0.95 -28.52
C THR B 60 9.00 -1.94 -27.75
N VAL B 61 8.92 -1.90 -26.43
CA VAL B 61 9.56 -2.88 -25.51
C VAL B 61 8.48 -3.36 -24.55
N MET B 62 8.38 -4.66 -24.29
CA MET B 62 7.35 -5.21 -23.36
C MET B 62 7.81 -5.06 -21.90
N CYS B 63 6.86 -4.78 -20.99
CA CYS B 63 7.02 -4.87 -19.51
C CYS B 63 6.05 -5.93 -18.97
N GLY B 64 6.53 -7.16 -18.75
CA GLY B 64 5.65 -8.33 -18.56
C GLY B 64 4.81 -8.58 -19.80
N THR B 65 3.50 -8.36 -19.72
CA THR B 65 2.54 -8.52 -20.85
C THR B 65 2.07 -7.16 -21.40
N TYR B 66 2.75 -6.07 -21.01
CA TYR B 66 2.25 -4.66 -21.18
C TYR B 66 3.21 -3.97 -22.14
N PRO B 67 2.77 -3.64 -23.38
CA PRO B 67 3.63 -3.01 -24.39
C PRO B 67 3.80 -1.53 -24.05
N VAL B 68 5.05 -1.08 -23.98
CA VAL B 68 5.47 0.35 -23.85
C VAL B 68 6.07 0.81 -25.19
N ILE B 69 5.40 1.77 -25.81
CA ILE B 69 5.79 2.28 -27.15
C ILE B 69 6.53 3.60 -26.89
N HIS B 70 7.83 3.57 -27.04
CA HIS B 70 8.72 4.75 -26.82
C HIS B 70 8.70 5.61 -28.09
N ALA B 71 7.98 6.73 -28.07
CA ALA B 71 7.79 7.62 -29.23
C ALA B 71 8.65 8.88 -28.99
N VAL B 72 9.57 9.17 -29.91
CA VAL B 72 10.55 10.31 -29.74
C VAL B 72 10.10 11.51 -30.57
N GLY B 73 9.37 12.43 -29.94
CA GLY B 73 9.08 13.73 -30.53
C GLY B 73 10.32 14.63 -30.51
N PRO B 74 10.38 15.61 -31.42
CA PRO B 74 11.51 16.51 -31.53
C PRO B 74 11.55 17.45 -30.33
N ASN B 75 12.75 17.87 -29.98
CA ASN B 75 12.95 19.00 -29.02
C ASN B 75 12.99 20.30 -29.85
N PHE B 76 11.98 21.11 -29.72
CA PHE B 76 11.83 22.39 -30.45
C PHE B 76 12.88 23.41 -29.95
N SER B 77 13.63 23.12 -28.89
CA SER B 77 14.84 23.93 -28.57
C SER B 77 15.90 23.72 -29.65
N ASN B 78 15.92 22.54 -30.28
CA ASN B 78 17.00 22.15 -31.23
C ASN B 78 16.53 22.20 -32.69
N TYR B 79 15.27 21.89 -32.96
CA TYR B 79 14.67 21.84 -34.31
C TYR B 79 14.05 23.20 -34.64
N THR B 80 14.10 23.58 -35.90
CA THR B 80 13.26 24.68 -36.44
C THR B 80 11.79 24.27 -36.36
N GLU B 81 10.90 25.25 -36.37
CA GLU B 81 9.45 25.01 -36.46
C GLU B 81 9.15 24.05 -37.64
N SER B 82 9.73 24.31 -38.81
CA SER B 82 9.44 23.54 -40.04
C SER B 82 9.93 22.09 -39.86
N GLU B 83 11.18 21.90 -39.47
CA GLU B 83 11.74 20.53 -39.38
C GLU B 83 11.12 19.81 -38.18
N GLY B 84 10.85 20.49 -37.07
CA GLY B 84 10.19 19.95 -35.87
C GLY B 84 8.80 19.46 -36.24
N ASP B 85 8.08 20.22 -37.06
CA ASP B 85 6.68 19.86 -37.42
C ASP B 85 6.65 18.52 -38.15
N ARG B 86 7.62 18.29 -39.04
CA ARG B 86 7.77 17.04 -39.83
C ARG B 86 8.07 15.88 -38.87
N GLU B 87 9.03 16.06 -37.95
CA GLU B 87 9.46 15.00 -36.99
C GLU B 87 8.31 14.65 -36.04
N LEU B 88 7.53 15.65 -35.61
CA LEU B 88 6.39 15.44 -34.67
C LEU B 88 5.29 14.60 -35.37
N ALA B 89 4.98 14.91 -36.62
CA ALA B 89 4.04 14.13 -37.46
C ALA B 89 4.54 12.68 -37.62
N ALA B 90 5.83 12.52 -37.85
CA ALA B 90 6.48 11.22 -38.10
C ALA B 90 6.38 10.35 -36.84
N ALA B 91 6.65 10.92 -35.67
CA ALA B 91 6.58 10.15 -34.41
C ALA B 91 5.18 9.57 -34.27
N TYR B 92 4.15 10.39 -34.46
CA TYR B 92 2.78 9.89 -34.27
C TYR B 92 2.46 8.83 -35.33
N ARG B 93 2.91 8.99 -36.59
CA ARG B 93 2.68 7.96 -37.63
C ARG B 93 3.26 6.60 -37.21
N GLU B 94 4.46 6.58 -36.61
N GLU B 94 4.44 6.59 -36.58
CA GLU B 94 5.11 5.31 -36.14
CA GLU B 94 5.10 5.32 -36.16
C GLU B 94 4.30 4.73 -34.98
C GLU B 94 4.37 4.74 -34.95
N VAL B 95 3.74 5.58 -34.12
CA VAL B 95 2.88 5.10 -33.00
C VAL B 95 1.66 4.37 -33.61
N ALA B 96 0.99 4.94 -34.59
CA ALA B 96 -0.17 4.31 -35.27
C ALA B 96 0.21 2.95 -35.87
N LYS B 97 1.35 2.85 -36.53
CA LYS B 97 1.88 1.57 -37.01
C LYS B 97 2.07 0.56 -35.87
N GLU B 98 2.69 0.96 -34.75
CA GLU B 98 2.95 0.04 -33.62
C GLU B 98 1.64 -0.43 -32.97
N VAL B 99 0.71 0.48 -32.73
CA VAL B 99 -0.63 0.18 -32.17
C VAL B 99 -1.31 -0.86 -33.07
N THR B 100 -1.23 -0.65 -34.38
CA THR B 100 -1.85 -1.58 -35.36
C THR B 100 -1.16 -2.94 -35.28
N ARG B 101 0.17 -2.96 -35.30
CA ARG B 101 0.94 -4.24 -35.25
C ARG B 101 0.62 -5.01 -33.96
N LEU B 102 0.47 -4.34 -32.83
CA LEU B 102 0.30 -5.00 -31.53
C LEU B 102 -1.09 -5.64 -31.40
N GLY B 103 -2.11 -5.17 -32.11
CA GLY B 103 -3.47 -5.74 -32.11
C GLY B 103 -4.26 -5.30 -30.90
N VAL B 104 -3.87 -4.23 -30.22
CA VAL B 104 -4.54 -3.74 -28.99
C VAL B 104 -5.88 -3.08 -29.36
N ASN B 105 -6.82 -3.09 -28.42
CA ASN B 105 -8.11 -2.40 -28.56
C ASN B 105 -8.07 -1.07 -27.84
N SER B 106 -6.99 -0.76 -27.11
CA SER B 106 -6.89 0.54 -26.41
C SER B 106 -5.43 0.95 -26.22
N VAL B 107 -5.22 2.26 -26.19
CA VAL B 107 -3.88 2.92 -26.01
C VAL B 107 -4.06 4.21 -25.21
N ALA B 108 -3.16 4.40 -24.24
CA ALA B 108 -2.95 5.65 -23.49
C ALA B 108 -1.80 6.40 -24.15
N ILE B 109 -2.04 7.67 -24.48
N ILE B 109 -2.07 7.65 -24.54
CA ILE B 109 -1.08 8.47 -25.30
CA ILE B 109 -1.13 8.51 -25.32
C ILE B 109 -1.00 9.89 -24.76
C ILE B 109 -1.01 9.87 -24.64
N PRO B 110 0.22 10.40 -24.47
CA PRO B 110 0.42 11.78 -24.08
C PRO B 110 0.56 12.68 -25.32
N LEU B 111 0.50 14.00 -25.13
CA LEU B 111 0.81 14.95 -26.21
C LEU B 111 2.34 15.13 -26.31
N LEU B 112 2.90 14.51 -27.33
CA LEU B 112 4.35 14.58 -27.64
C LEU B 112 4.79 16.03 -27.87
N SER B 113 5.99 16.33 -27.38
CA SER B 113 6.69 17.63 -27.53
C SER B 113 5.91 18.80 -26.86
N THR B 114 5.08 18.56 -25.84
CA THR B 114 4.31 19.66 -25.20
C THR B 114 4.90 20.08 -23.83
N GLY B 115 5.92 19.37 -23.34
CA GLY B 115 6.54 19.59 -22.02
C GLY B 115 7.88 20.25 -22.23
N VAL B 116 8.94 19.64 -21.75
CA VAL B 116 10.30 20.24 -21.82
C VAL B 116 10.82 20.22 -23.27
N TYR B 117 10.20 19.47 -24.20
CA TYR B 117 10.54 19.56 -25.67
C TYR B 117 9.76 20.66 -26.41
N SER B 118 8.89 21.44 -25.74
CA SER B 118 8.03 22.50 -26.39
C SER B 118 8.84 23.72 -26.85
N GLY B 119 10.06 23.92 -26.31
CA GLY B 119 10.80 25.16 -26.58
C GLY B 119 10.06 26.34 -26.00
N GLY B 120 9.33 26.16 -24.91
CA GLY B 120 8.61 27.24 -24.20
C GLY B 120 7.34 27.71 -24.93
N LYS B 121 6.81 26.94 -25.89
CA LYS B 121 5.62 27.35 -26.67
C LYS B 121 4.47 26.42 -26.29
N ASP B 122 3.23 26.94 -26.32
CA ASP B 122 1.98 26.15 -26.15
C ASP B 122 1.73 25.35 -27.45
N ARG B 123 1.79 24.03 -27.38
CA ARG B 123 1.75 23.19 -28.61
C ARG B 123 0.57 22.22 -28.52
N LEU B 124 -0.42 22.50 -27.68
CA LEU B 124 -1.54 21.56 -27.47
C LEU B 124 -2.19 21.29 -28.83
N THR B 125 -2.55 22.34 -29.55
CA THR B 125 -3.27 22.25 -30.85
C THR B 125 -2.41 21.54 -31.90
N GLN B 126 -1.19 21.97 -32.09
CA GLN B 126 -0.22 21.34 -33.00
C GLN B 126 -0.11 19.84 -32.70
N SER B 127 0.14 19.45 -31.44
CA SER B 127 0.48 18.05 -31.08
C SER B 127 -0.77 17.18 -31.22
N LEU B 128 -1.90 17.71 -30.77
CA LEU B 128 -3.20 17.01 -30.89
C LEU B 128 -3.55 16.80 -32.36
N ASN B 129 -3.35 17.79 -33.23
CA ASN B 129 -3.67 17.64 -34.68
C ASN B 129 -2.84 16.49 -35.28
N HIS B 130 -1.54 16.38 -34.95
CA HIS B 130 -0.70 15.30 -35.49
C HIS B 130 -1.15 13.94 -34.91
N LEU B 131 -1.59 13.93 -33.65
CA LEU B 131 -2.09 12.73 -32.98
C LEU B 131 -3.30 12.22 -33.78
N PHE B 132 -4.24 13.12 -34.07
CA PHE B 132 -5.48 12.76 -34.80
C PHE B 132 -5.15 12.28 -36.22
N THR B 133 -4.31 13.03 -36.96
CA THR B 133 -3.90 12.66 -38.34
C THR B 133 -3.42 11.20 -38.35
N ALA B 134 -2.60 10.80 -37.38
CA ALA B 134 -2.02 9.44 -37.29
C ALA B 134 -3.06 8.45 -36.80
N MET B 135 -3.83 8.76 -35.76
CA MET B 135 -4.59 7.71 -35.05
C MET B 135 -6.01 7.56 -35.69
N ASP B 136 -6.45 8.50 -36.52
CA ASP B 136 -7.84 8.51 -37.03
C ASP B 136 -8.12 7.22 -37.80
N SER B 137 -7.14 6.66 -38.50
CA SER B 137 -7.33 5.45 -39.32
C SER B 137 -7.18 4.16 -38.50
N THR B 138 -6.82 4.21 -37.21
CA THR B 138 -6.72 3.03 -36.34
C THR B 138 -8.07 2.80 -35.67
N ASP B 139 -8.33 1.58 -35.21
CA ASP B 139 -9.62 1.22 -34.59
C ASP B 139 -9.44 1.01 -33.09
N ALA B 140 -8.28 1.38 -32.50
CA ALA B 140 -8.14 1.23 -31.02
C ALA B 140 -8.86 2.38 -30.31
N ASP B 141 -9.36 2.14 -29.09
CA ASP B 141 -9.83 3.26 -28.24
C ASP B 141 -8.58 4.03 -27.79
N VAL B 142 -8.56 5.32 -28.04
CA VAL B 142 -7.42 6.20 -27.67
C VAL B 142 -7.86 7.06 -26.48
N VAL B 143 -7.06 7.02 -25.42
CA VAL B 143 -7.26 7.90 -24.23
C VAL B 143 -6.00 8.76 -24.11
N ILE B 144 -6.21 10.05 -24.30
CA ILE B 144 -5.15 11.08 -24.25
C ILE B 144 -5.00 11.52 -22.80
N TYR B 145 -3.77 11.61 -22.29
CA TYR B 145 -3.48 11.98 -20.88
C TYR B 145 -2.84 13.36 -20.85
N CYS B 146 -3.31 14.20 -19.92
CA CYS B 146 -2.79 15.57 -19.68
C CYS B 146 -2.77 15.80 -18.15
N ARG B 147 -2.16 16.90 -17.70
CA ARG B 147 -2.05 17.19 -16.24
C ARG B 147 -2.83 18.45 -15.88
N ASP B 148 -2.91 19.44 -16.78
CA ASP B 148 -3.54 20.75 -16.50
C ASP B 148 -5.03 20.69 -16.85
N LYS B 149 -5.90 21.26 -16.01
CA LYS B 149 -7.37 21.25 -16.18
C LYS B 149 -7.79 22.09 -17.38
N GLU B 150 -7.09 23.17 -17.67
CA GLU B 150 -7.33 24.01 -18.87
C GLU B 150 -7.08 23.19 -20.15
N TRP B 151 -6.10 22.26 -20.11
CA TRP B 151 -5.71 21.42 -21.27
C TRP B 151 -6.78 20.33 -21.46
N GLU B 152 -7.24 19.66 -20.40
CA GLU B 152 -8.39 18.71 -20.44
C GLU B 152 -9.54 19.43 -21.14
N LYS B 153 -9.86 20.65 -20.69
CA LYS B 153 -10.99 21.44 -21.24
C LYS B 153 -10.84 21.50 -22.76
N LYS B 154 -9.68 21.98 -23.25
CA LYS B 154 -9.50 22.36 -24.68
C LYS B 154 -9.43 21.12 -25.58
N ILE B 155 -8.81 20.06 -25.07
CA ILE B 155 -8.70 18.73 -25.76
C ILE B 155 -10.12 18.18 -25.91
N SER B 156 -10.86 18.17 -24.80
CA SER B 156 -12.26 17.67 -24.72
C SER B 156 -13.12 18.36 -25.79
N GLU B 157 -13.00 19.69 -25.90
CA GLU B 157 -13.74 20.54 -26.87
C GLU B 157 -13.30 20.20 -28.30
N ALA B 158 -12.03 19.85 -28.49
CA ALA B 158 -11.46 19.47 -29.81
C ALA B 158 -12.04 18.12 -30.22
N ILE B 159 -12.14 17.16 -29.30
CA ILE B 159 -12.71 15.80 -29.54
C ILE B 159 -14.20 15.90 -29.90
N GLN B 160 -14.97 16.59 -29.05
CA GLN B 160 -16.45 16.55 -29.07
C GLN B 160 -16.96 17.29 -30.31
N MET B 161 -16.21 18.26 -30.81
CA MET B 161 -16.54 19.09 -31.99
C MET B 161 -16.61 18.22 -33.25
N ARG B 162 -15.71 17.25 -33.38
CA ARG B 162 -15.57 16.42 -34.63
C ARG B 162 -16.63 15.31 -34.63
N THR B 163 -17.34 15.11 -33.51
CA THR B 163 -18.33 14.02 -33.31
C THR B 163 -19.79 14.49 -33.47
N GLY C 1 -20.72 6.56 17.83
CA GLY C 1 -20.24 5.15 17.59
C GLY C 1 -21.32 4.12 17.91
N ALA C 2 -21.24 2.92 17.33
CA ALA C 2 -22.12 1.79 17.72
C ALA C 2 -21.79 1.44 19.17
N MET C 3 -22.80 1.04 19.96
CA MET C 3 -22.62 0.64 21.38
C MET C 3 -21.62 -0.53 21.54
N ALA C 4 -21.57 -1.46 20.60
CA ALA C 4 -20.66 -2.63 20.65
C ALA C 4 -20.18 -2.88 19.23
N PRO C 5 -19.24 -2.06 18.73
CA PRO C 5 -18.80 -2.15 17.34
C PRO C 5 -18.56 -3.60 16.92
N SER C 6 -19.08 -3.99 15.76
CA SER C 6 -19.03 -5.38 15.26
C SER C 6 -18.68 -5.44 13.77
N TYR C 7 -18.37 -6.64 13.31
CA TYR C 7 -18.22 -7.02 11.89
C TYR C 7 -19.32 -8.03 11.53
N ARG C 8 -20.01 -7.87 10.39
CA ARG C 8 -20.97 -8.87 9.90
C ARG C 8 -20.72 -9.06 8.41
N VAL C 9 -21.13 -10.18 7.84
CA VAL C 9 -21.07 -10.37 6.37
C VAL C 9 -22.47 -10.69 5.90
N LYS C 10 -22.86 -10.13 4.75
CA LYS C 10 -24.14 -10.42 4.06
C LYS C 10 -23.84 -10.79 2.61
N ARG C 11 -24.48 -11.87 2.13
CA ARG C 11 -24.47 -12.24 0.71
C ARG C 11 -25.69 -11.60 0.07
N MET C 12 -25.53 -10.45 -0.58
CA MET C 12 -26.65 -9.54 -0.91
C MET C 12 -26.13 -8.38 -1.75
N ASP C 13 -27.01 -7.76 -2.53
CA ASP C 13 -26.71 -6.54 -3.33
C ASP C 13 -26.43 -5.39 -2.35
N ILE C 14 -25.23 -4.80 -2.44
N ILE C 14 -25.21 -4.86 -2.43
CA ILE C 14 -24.80 -3.69 -1.54
CA ILE C 14 -24.78 -3.72 -1.57
C ILE C 14 -25.66 -2.46 -1.84
C ILE C 14 -25.75 -2.55 -1.80
N ALA C 15 -26.26 -2.39 -3.03
CA ALA C 15 -27.18 -1.29 -3.41
C ALA C 15 -28.47 -1.31 -2.55
N LYS C 16 -28.71 -2.41 -1.84
N LYS C 16 -28.74 -2.41 -1.85
CA LYS C 16 -29.90 -2.61 -0.97
CA LYS C 16 -29.93 -2.55 -0.96
C LYS C 16 -29.47 -2.72 0.50
C LYS C 16 -29.47 -2.72 0.50
N ASN C 17 -28.29 -2.21 0.85
CA ASN C 17 -27.77 -2.30 2.23
C ASN C 17 -28.69 -1.56 3.21
N ASP C 18 -28.57 -1.93 4.48
CA ASP C 18 -29.27 -1.38 5.66
C ASP C 18 -28.34 -0.56 6.56
N GLU C 19 -27.29 0.07 6.03
CA GLU C 19 -26.35 0.88 6.85
C GLU C 19 -26.46 2.38 6.52
N GLU C 20 -25.77 3.22 7.32
CA GLU C 20 -25.88 4.72 7.25
C GLU C 20 -25.05 5.31 6.11
N CYS C 21 -24.20 4.51 5.48
CA CYS C 21 -23.44 4.92 4.28
C CYS C 21 -22.91 3.67 3.59
N VAL C 22 -22.42 3.87 2.39
CA VAL C 22 -21.94 2.76 1.53
C VAL C 22 -20.56 3.09 0.98
N VAL C 23 -19.72 2.07 0.84
CA VAL C 23 -18.42 2.21 0.12
C VAL C 23 -18.62 1.63 -1.27
N ASN C 24 -18.32 2.46 -2.26
CA ASN C 24 -18.30 2.03 -3.69
C ASN C 24 -16.88 1.53 -4.02
N ALA C 25 -16.76 0.40 -4.71
CA ALA C 25 -15.49 -0.07 -5.32
C ALA C 25 -15.34 0.69 -6.63
N ALA C 26 -14.86 1.93 -6.51
CA ALA C 26 -14.82 2.96 -7.54
C ALA C 26 -13.61 2.76 -8.48
N ASN C 27 -13.67 3.44 -9.61
CA ASN C 27 -12.57 3.51 -10.61
C ASN C 27 -12.08 4.93 -10.52
N PRO C 28 -10.82 5.22 -10.89
CA PRO C 28 -10.28 6.57 -10.72
C PRO C 28 -10.93 7.74 -11.50
N ARG C 29 -11.68 7.43 -12.56
CA ARG C 29 -12.31 8.45 -13.44
C ARG C 29 -13.73 8.78 -12.97
N GLY C 30 -14.33 7.94 -12.11
CA GLY C 30 -15.67 8.20 -11.55
C GLY C 30 -16.76 7.82 -12.52
N LEU C 31 -16.53 6.73 -13.27
CA LEU C 31 -17.40 6.13 -14.30
C LEU C 31 -18.30 5.08 -13.67
N PRO C 32 -19.51 4.86 -14.24
CA PRO C 32 -20.38 3.77 -13.79
C PRO C 32 -19.67 2.42 -13.60
N GLY C 33 -18.65 2.13 -14.41
CA GLY C 33 -17.82 0.92 -14.25
C GLY C 33 -18.64 -0.36 -14.37
N ASP C 34 -18.21 -1.39 -13.63
CA ASP C 34 -18.79 -2.77 -13.63
C ASP C 34 -18.98 -3.25 -12.19
N GLY C 35 -19.64 -4.40 -12.00
CA GLY C 35 -19.78 -5.05 -10.69
C GLY C 35 -20.49 -4.14 -9.70
N VAL C 36 -19.95 -4.10 -8.46
CA VAL C 36 -20.43 -3.25 -7.32
C VAL C 36 -20.61 -1.81 -7.81
N CYS C 37 -19.64 -1.30 -8.58
CA CYS C 37 -19.60 0.11 -9.07
C CYS C 37 -20.86 0.42 -9.91
N LYS C 38 -21.34 -0.54 -10.72
CA LYS C 38 -22.53 -0.39 -11.60
C LYS C 38 -23.84 -0.44 -10.78
N ALA C 39 -23.98 -1.40 -9.86
CA ALA C 39 -25.09 -1.44 -8.86
C ALA C 39 -25.20 -0.10 -8.12
N VAL C 40 -24.06 0.44 -7.68
CA VAL C 40 -23.97 1.71 -6.91
C VAL C 40 -24.39 2.86 -7.83
N TYR C 41 -23.96 2.85 -9.09
CA TYR C 41 -24.29 3.94 -10.05
C TYR C 41 -25.79 4.03 -10.29
N LYS C 42 -26.46 2.89 -10.39
CA LYS C 42 -27.92 2.79 -10.69
C LYS C 42 -28.72 3.28 -9.48
N LYS C 43 -28.24 2.96 -8.27
CA LYS C 43 -28.93 3.35 -7.00
C LYS C 43 -28.64 4.82 -6.64
N TRP C 44 -27.40 5.29 -6.77
CA TRP C 44 -26.99 6.64 -6.29
C TRP C 44 -26.27 7.43 -7.39
N PRO C 45 -26.88 7.62 -8.58
CA PRO C 45 -26.19 8.33 -9.67
C PRO C 45 -25.65 9.71 -9.29
N GLU C 46 -26.38 10.44 -8.46
CA GLU C 46 -26.06 11.83 -8.05
C GLU C 46 -24.70 11.87 -7.33
N SER C 47 -24.34 10.78 -6.63
CA SER C 47 -23.04 10.66 -5.90
C SER C 47 -21.85 10.62 -6.86
N PHE C 48 -22.05 10.43 -8.17
CA PHE C 48 -20.94 10.32 -9.18
C PHE C 48 -20.52 11.69 -9.74
N LYS C 49 -21.18 12.78 -9.31
CA LYS C 49 -20.74 14.16 -9.60
C LYS C 49 -19.38 14.45 -8.94
N ASN C 50 -18.33 14.55 -9.76
CA ASN C 50 -16.95 14.91 -9.31
C ASN C 50 -16.47 13.85 -8.30
N SER C 51 -16.83 12.59 -8.51
CA SER C 51 -16.38 11.47 -7.65
C SER C 51 -14.97 11.00 -8.02
N ALA C 52 -14.41 11.46 -9.16
CA ALA C 52 -13.07 11.02 -9.63
C ALA C 52 -12.09 11.24 -8.48
N THR C 53 -11.23 10.24 -8.20
CA THR C 53 -10.20 10.26 -7.13
C THR C 53 -9.13 9.20 -7.46
N PRO C 54 -7.85 9.44 -7.13
CA PRO C 54 -6.76 8.51 -7.50
C PRO C 54 -6.79 7.14 -6.81
N VAL C 55 -6.21 6.13 -7.48
CA VAL C 55 -5.89 4.81 -6.85
C VAL C 55 -5.29 5.07 -5.45
N GLY C 56 -5.79 4.37 -4.41
CA GLY C 56 -5.25 4.48 -3.04
C GLY C 56 -5.92 5.53 -2.18
N THR C 57 -6.99 6.16 -2.71
CA THR C 57 -7.73 7.27 -2.05
C THR C 57 -9.23 6.94 -1.97
N ALA C 58 -9.95 7.70 -1.15
CA ALA C 58 -11.42 7.64 -1.03
C ALA C 58 -11.94 9.06 -1.04
N LYS C 59 -13.04 9.27 -1.74
CA LYS C 59 -13.73 10.58 -1.81
C LYS C 59 -15.22 10.35 -1.55
N THR C 60 -15.78 11.03 -0.56
CA THR C 60 -17.22 10.94 -0.25
C THR C 60 -18.03 11.96 -1.06
N VAL C 61 -19.08 11.52 -1.74
CA VAL C 61 -20.10 12.41 -2.35
C VAL C 61 -21.49 11.99 -1.87
N MET C 62 -22.28 12.99 -1.45
CA MET C 62 -23.66 12.79 -0.93
C MET C 62 -24.60 12.52 -2.09
N CYS C 63 -25.55 11.61 -1.90
CA CYS C 63 -26.72 11.43 -2.76
C CYS C 63 -27.93 11.80 -1.86
N GLY C 64 -28.40 13.03 -1.97
CA GLY C 64 -29.26 13.65 -0.92
C GLY C 64 -28.47 13.87 0.36
N THR C 65 -28.77 13.14 1.44
CA THR C 65 -27.93 13.15 2.67
C THR C 65 -27.23 11.78 2.89
N TYR C 66 -27.37 10.83 1.98
CA TYR C 66 -26.80 9.47 2.12
C TYR C 66 -25.36 9.42 1.56
N PRO C 67 -24.32 9.23 2.41
CA PRO C 67 -22.94 9.34 1.94
C PRO C 67 -22.51 8.12 1.12
N VAL C 68 -21.89 8.36 -0.06
CA VAL C 68 -21.26 7.31 -0.89
C VAL C 68 -19.76 7.58 -0.88
N ILE C 69 -19.00 6.64 -0.30
CA ILE C 69 -17.53 6.75 -0.14
C ILE C 69 -16.95 6.01 -1.32
N HIS C 70 -16.46 6.74 -2.32
CA HIS C 70 -15.83 6.15 -3.52
C HIS C 70 -14.37 5.78 -3.21
N ALA C 71 -14.11 4.50 -3.00
CA ALA C 71 -12.76 4.01 -2.61
C ALA C 71 -12.13 3.36 -3.83
N VAL C 72 -10.95 3.86 -4.23
CA VAL C 72 -10.28 3.34 -5.45
C VAL C 72 -9.15 2.39 -5.05
N GLY C 73 -9.40 1.10 -5.15
CA GLY C 73 -8.34 0.08 -4.97
C GLY C 73 -7.53 -0.05 -6.26
N PRO C 74 -6.31 -0.62 -6.18
CA PRO C 74 -5.53 -0.88 -7.40
C PRO C 74 -6.15 -1.98 -8.26
N ASN C 75 -5.99 -1.85 -9.57
CA ASN C 75 -6.20 -2.97 -10.50
C ASN C 75 -4.90 -3.79 -10.60
N PHE C 76 -4.91 -5.05 -10.15
CA PHE C 76 -3.69 -5.88 -10.03
C PHE C 76 -3.25 -6.34 -11.42
N SER C 77 -4.08 -6.16 -12.45
CA SER C 77 -3.64 -6.30 -13.87
C SER C 77 -2.52 -5.32 -14.21
N ASN C 78 -2.52 -4.15 -13.56
CA ASN C 78 -1.69 -2.96 -13.90
C ASN C 78 -0.75 -2.58 -12.76
N TYR C 79 -0.73 -3.33 -11.66
CA TYR C 79 0.21 -3.10 -10.54
C TYR C 79 0.98 -4.39 -10.25
N THR C 80 2.22 -4.23 -9.79
CA THR C 80 3.02 -5.35 -9.20
C THR C 80 2.33 -5.77 -7.90
N GLU C 81 2.64 -6.97 -7.41
CA GLU C 81 2.14 -7.43 -6.08
C GLU C 81 2.58 -6.45 -5.00
N SER C 82 3.81 -5.99 -5.08
CA SER C 82 4.39 -5.09 -4.07
C SER C 82 3.64 -3.76 -4.05
N GLU C 83 3.56 -3.09 -5.20
CA GLU C 83 3.00 -1.71 -5.27
C GLU C 83 1.47 -1.78 -5.03
N GLY C 84 0.83 -2.82 -5.55
CA GLY C 84 -0.62 -2.99 -5.36
C GLY C 84 -0.94 -3.19 -3.90
N ASP C 85 -0.15 -3.98 -3.19
CA ASP C 85 -0.38 -4.26 -1.76
C ASP C 85 -0.42 -2.95 -0.98
N ARG C 86 0.50 -2.03 -1.27
CA ARG C 86 0.57 -0.69 -0.63
C ARG C 86 -0.71 0.10 -0.95
N GLU C 87 -1.11 0.12 -2.23
CA GLU C 87 -2.27 0.95 -2.69
C GLU C 87 -3.57 0.42 -2.08
N LEU C 88 -3.66 -0.90 -1.88
CA LEU C 88 -4.88 -1.57 -1.35
C LEU C 88 -4.99 -1.18 0.12
N ALA C 89 -3.88 -1.23 0.87
CA ALA C 89 -3.87 -0.82 2.29
C ALA C 89 -4.33 0.63 2.42
N ALA C 90 -3.78 1.51 1.57
CA ALA C 90 -4.01 2.97 1.59
C ALA C 90 -5.50 3.26 1.33
N ALA C 91 -6.10 2.59 0.35
CA ALA C 91 -7.53 2.79 -0.02
C ALA C 91 -8.35 2.52 1.23
N TYR C 92 -8.09 1.41 1.92
CA TYR C 92 -8.85 1.06 3.14
C TYR C 92 -8.61 2.08 4.25
N ARG C 93 -7.38 2.54 4.46
CA ARG C 93 -7.08 3.59 5.47
C ARG C 93 -7.90 4.84 5.15
N GLU C 94 -8.01 5.23 3.88
CA GLU C 94 -8.84 6.40 3.49
C GLU C 94 -10.33 6.13 3.77
N VAL C 95 -10.82 4.89 3.58
CA VAL C 95 -12.22 4.56 3.95
C VAL C 95 -12.42 4.79 5.46
N ALA C 96 -11.52 4.31 6.31
CA ALA C 96 -11.62 4.49 7.77
C ALA C 96 -11.69 5.97 8.14
N LYS C 97 -10.88 6.80 7.48
CA LYS C 97 -10.87 8.27 7.72
C LYS C 97 -12.24 8.85 7.33
N GLU C 98 -12.78 8.47 6.17
CA GLU C 98 -14.07 9.03 5.68
C GLU C 98 -15.21 8.60 6.60
N VAL C 99 -15.23 7.32 7.04
CA VAL C 99 -16.30 6.82 7.93
C VAL C 99 -16.24 7.61 9.24
N THR C 100 -15.04 7.88 9.75
CA THR C 100 -14.82 8.60 11.03
C THR C 100 -15.32 10.04 10.84
N ARG C 101 -14.93 10.67 9.75
CA ARG C 101 -15.26 12.10 9.51
C ARG C 101 -16.79 12.22 9.45
N LEU C 102 -17.48 11.27 8.84
CA LEU C 102 -18.95 11.35 8.63
C LEU C 102 -19.71 11.16 9.96
N GLY C 103 -19.12 10.52 10.96
CA GLY C 103 -19.80 10.34 12.27
C GLY C 103 -20.88 9.25 12.21
N VAL C 104 -20.93 8.45 11.14
CA VAL C 104 -21.90 7.32 10.97
C VAL C 104 -21.67 6.23 12.03
N ASN C 105 -22.73 5.47 12.37
CA ASN C 105 -22.67 4.33 13.32
C ASN C 105 -22.55 3.02 12.55
N SER C 106 -22.67 3.04 11.23
CA SER C 106 -22.59 1.82 10.39
C SER C 106 -22.18 2.19 8.96
N VAL C 107 -21.61 1.20 8.29
CA VAL C 107 -21.12 1.28 6.90
C VAL C 107 -21.19 -0.08 6.22
N ALA C 108 -21.61 -0.08 4.95
CA ALA C 108 -21.65 -1.21 4.02
C ALA C 108 -20.40 -1.11 3.17
N ILE C 109 -19.58 -2.17 3.19
N ILE C 109 -19.61 -2.18 3.13
CA ILE C 109 -18.26 -2.20 2.47
CA ILE C 109 -18.28 -2.19 2.46
C ILE C 109 -18.18 -3.48 1.62
C ILE C 109 -18.14 -3.48 1.64
N PRO C 110 -17.67 -3.38 0.38
CA PRO C 110 -17.32 -4.55 -0.41
C PRO C 110 -15.83 -4.84 -0.25
N LEU C 111 -15.37 -5.97 -0.77
CA LEU C 111 -13.91 -6.29 -0.73
C LEU C 111 -13.22 -5.66 -1.95
N LEU C 112 -12.43 -4.63 -1.70
CA LEU C 112 -11.74 -3.89 -2.78
C LEU C 112 -10.73 -4.82 -3.46
N SER C 113 -10.56 -4.59 -4.76
CA SER C 113 -9.57 -5.24 -5.64
C SER C 113 -9.77 -6.75 -5.77
N THR C 114 -11.00 -7.22 -5.56
CA THR C 114 -11.46 -8.56 -5.98
C THR C 114 -12.19 -8.36 -7.32
N GLY C 115 -12.71 -9.43 -7.91
CA GLY C 115 -13.40 -9.35 -9.22
C GLY C 115 -12.47 -8.78 -10.28
N VAL C 116 -12.95 -7.80 -11.06
CA VAL C 116 -12.23 -7.39 -12.29
C VAL C 116 -10.87 -6.76 -11.94
N TYR C 117 -10.67 -6.23 -10.72
CA TYR C 117 -9.37 -5.60 -10.33
C TYR C 117 -8.45 -6.64 -9.68
N SER C 118 -8.82 -7.91 -9.65
CA SER C 118 -8.04 -8.96 -8.96
C SER C 118 -6.81 -9.42 -9.76
N GLY C 119 -6.71 -9.06 -11.05
CA GLY C 119 -5.71 -9.62 -11.98
C GLY C 119 -5.79 -11.14 -12.03
N GLY C 120 -7.00 -11.69 -11.97
CA GLY C 120 -7.31 -13.13 -12.02
C GLY C 120 -6.75 -13.95 -10.86
N LYS C 121 -6.50 -13.34 -9.69
CA LYS C 121 -6.04 -14.07 -8.47
C LYS C 121 -7.13 -13.99 -7.38
N ASP C 122 -7.22 -14.98 -6.51
CA ASP C 122 -8.12 -14.97 -5.31
C ASP C 122 -7.50 -14.02 -4.30
N ARG C 123 -8.16 -12.90 -4.01
CA ARG C 123 -7.65 -11.86 -3.07
C ARG C 123 -8.56 -11.71 -1.85
N LEU C 124 -9.37 -12.70 -1.49
CA LEU C 124 -10.27 -12.59 -0.31
C LEU C 124 -9.45 -12.29 0.95
N THR C 125 -8.47 -13.12 1.29
CA THR C 125 -7.68 -13.00 2.54
C THR C 125 -6.90 -11.68 2.51
N GLN C 126 -6.25 -11.35 1.41
CA GLN C 126 -5.46 -10.09 1.30
C GLN C 126 -6.39 -8.86 1.51
N SER C 127 -7.50 -8.81 0.79
CA SER C 127 -8.43 -7.64 0.85
C SER C 127 -9.01 -7.54 2.25
N LEU C 128 -9.47 -8.68 2.77
CA LEU C 128 -10.10 -8.71 4.11
C LEU C 128 -9.10 -8.32 5.20
N ASN C 129 -7.84 -8.75 5.10
CA ASN C 129 -6.79 -8.36 6.06
C ASN C 129 -6.59 -6.85 6.01
N HIS C 130 -6.54 -6.22 4.83
CA HIS C 130 -6.38 -4.74 4.77
C HIS C 130 -7.63 -4.03 5.34
N LEU C 131 -8.80 -4.60 5.16
CA LEU C 131 -10.08 -4.03 5.65
C LEU C 131 -10.03 -3.97 7.18
N PHE C 132 -9.69 -5.07 7.82
CA PHE C 132 -9.60 -5.18 9.30
C PHE C 132 -8.50 -4.26 9.82
N THR C 133 -7.32 -4.22 9.18
CA THR C 133 -6.19 -3.34 9.62
C THR C 133 -6.67 -1.88 9.68
N ALA C 134 -7.47 -1.43 8.70
CA ALA C 134 -7.99 -0.04 8.64
C ALA C 134 -9.18 0.14 9.58
N MET C 135 -10.10 -0.80 9.64
CA MET C 135 -11.41 -0.56 10.30
C MET C 135 -11.42 -0.98 11.77
N ASP C 136 -10.42 -1.71 12.25
CA ASP C 136 -10.40 -2.20 13.66
C ASP C 136 -10.41 -1.02 14.64
N SER C 137 -9.79 0.14 14.31
CA SER C 137 -9.70 1.29 15.23
C SER C 137 -10.95 2.18 15.12
N THR C 138 -11.89 1.88 14.24
CA THR C 138 -13.19 2.61 14.12
C THR C 138 -14.26 1.98 15.02
N ASP C 139 -15.28 2.75 15.39
CA ASP C 139 -16.38 2.30 16.27
C ASP C 139 -17.68 2.17 15.48
N ALA C 140 -17.62 2.16 14.14
CA ALA C 140 -18.78 1.90 13.26
C ALA C 140 -19.11 0.40 13.19
N ASP C 141 -20.39 0.02 13.16
CA ASP C 141 -20.74 -1.36 12.73
C ASP C 141 -20.34 -1.46 11.26
N VAL C 142 -19.55 -2.47 10.93
CA VAL C 142 -19.10 -2.73 9.54
C VAL C 142 -19.84 -3.96 9.02
N VAL C 143 -20.46 -3.84 7.86
CA VAL C 143 -21.19 -4.95 7.20
C VAL C 143 -20.57 -5.18 5.85
N ILE C 144 -19.95 -6.33 5.65
CA ILE C 144 -19.22 -6.63 4.38
C ILE C 144 -20.20 -7.31 3.42
N TYR C 145 -20.29 -6.86 2.17
CA TYR C 145 -21.24 -7.45 1.18
C TYR C 145 -20.45 -8.29 0.20
N CYS C 146 -20.92 -9.51 -0.05
CA CYS C 146 -20.36 -10.38 -1.11
C CYS C 146 -21.51 -10.99 -1.94
N ARG C 147 -21.16 -11.63 -3.05
CA ARG C 147 -22.10 -12.34 -3.96
C ARG C 147 -21.95 -13.85 -3.79
N ASP C 148 -20.71 -14.34 -3.66
CA ASP C 148 -20.38 -15.80 -3.72
C ASP C 148 -20.62 -16.47 -2.36
N LYS C 149 -21.23 -17.67 -2.34
CA LYS C 149 -21.50 -18.42 -1.08
C LYS C 149 -20.23 -18.97 -0.42
N GLU C 150 -19.22 -19.40 -1.19
CA GLU C 150 -17.93 -19.86 -0.56
C GLU C 150 -17.26 -18.66 0.12
N TRP C 151 -17.34 -17.47 -0.48
CA TRP C 151 -16.74 -16.22 0.09
C TRP C 151 -17.48 -15.85 1.37
N GLU C 152 -18.82 -15.90 1.37
CA GLU C 152 -19.63 -15.63 2.58
C GLU C 152 -19.12 -16.50 3.75
N LYS C 153 -18.91 -17.79 3.52
CA LYS C 153 -18.47 -18.74 4.57
C LYS C 153 -17.06 -18.36 5.06
N LYS C 154 -16.12 -18.16 4.15
CA LYS C 154 -14.73 -17.78 4.53
C LYS C 154 -14.73 -16.45 5.29
N ILE C 155 -15.48 -15.45 4.82
CA ILE C 155 -15.47 -14.13 5.52
C ILE C 155 -16.05 -14.34 6.92
N SER C 156 -17.17 -15.06 6.99
CA SER C 156 -17.85 -15.31 8.27
C SER C 156 -16.87 -16.01 9.23
N GLU C 157 -16.10 -16.98 8.76
CA GLU C 157 -15.16 -17.71 9.66
C GLU C 157 -14.07 -16.77 10.15
N ALA C 158 -13.54 -15.93 9.27
CA ALA C 158 -12.44 -14.99 9.57
C ALA C 158 -12.87 -14.02 10.65
N ILE C 159 -14.13 -13.56 10.62
CA ILE C 159 -14.71 -12.65 11.64
C ILE C 159 -14.81 -13.40 12.98
N GLN C 160 -15.34 -14.63 12.94
CA GLN C 160 -15.58 -15.41 14.17
C GLN C 160 -14.23 -15.78 14.80
N MET C 161 -13.22 -16.12 14.00
CA MET C 161 -11.86 -16.41 14.52
C MET C 161 -11.51 -15.47 15.67
N ARG C 162 -11.68 -14.16 15.44
CA ARG C 162 -11.16 -13.06 16.32
C ARG C 162 -12.14 -12.74 17.46
N THR C 163 -13.41 -13.17 17.37
CA THR C 163 -14.43 -12.90 18.42
C THR C 163 -13.99 -13.56 19.72
N PRO D 5 -5.88 14.09 44.74
CA PRO D 5 -5.36 13.16 43.72
C PRO D 5 -3.84 13.32 43.50
N SER D 6 -3.06 12.37 44.05
N SER D 6 -3.05 12.39 44.06
CA SER D 6 -1.58 12.27 43.92
CA SER D 6 -1.57 12.33 43.91
C SER D 6 -1.25 11.71 42.54
C SER D 6 -1.23 11.70 42.57
N TYR D 7 -0.12 12.11 41.96
CA TYR D 7 0.38 11.57 40.66
C TYR D 7 1.82 11.13 40.81
N ARG D 8 2.11 9.96 40.22
CA ARG D 8 3.44 9.34 40.15
C ARG D 8 3.57 8.76 38.76
N VAL D 9 4.81 8.45 38.36
CA VAL D 9 5.10 7.82 37.05
C VAL D 9 6.05 6.66 37.29
N LYS D 10 5.81 5.54 36.62
CA LYS D 10 6.68 4.34 36.66
C LYS D 10 7.03 3.91 35.23
N ARG D 11 8.29 3.52 35.01
CA ARG D 11 8.76 2.97 33.71
C ARG D 11 8.75 1.44 33.80
N MET D 12 7.55 0.84 33.87
CA MET D 12 7.39 -0.63 33.91
C MET D 12 6.11 -1.03 33.14
N ASP D 13 5.99 -2.31 32.84
CA ASP D 13 4.78 -2.89 32.18
C ASP D 13 3.57 -2.68 33.11
N ILE D 14 2.54 -1.99 32.61
CA ILE D 14 1.30 -1.70 33.36
C ILE D 14 0.62 -3.04 33.77
N ALA D 15 0.93 -4.13 33.07
CA ALA D 15 0.39 -5.49 33.36
C ALA D 15 0.95 -5.96 34.70
N LYS D 16 2.00 -5.28 35.21
CA LYS D 16 2.61 -5.63 36.51
C LYS D 16 2.39 -4.53 37.55
N ASN D 17 1.36 -3.71 37.38
CA ASN D 17 1.13 -2.58 38.29
C ASN D 17 0.86 -3.02 39.73
N ASP D 18 1.01 -2.08 40.65
CA ASP D 18 0.78 -2.21 42.10
C ASP D 18 -0.44 -1.41 42.54
N GLU D 19 -1.42 -1.11 41.68
CA GLU D 19 -2.62 -0.32 42.04
C GLU D 19 -3.90 -1.19 42.07
N GLU D 20 -5.00 -0.63 42.56
CA GLU D 20 -6.25 -1.39 42.83
C GLU D 20 -7.04 -1.66 41.55
N CYS D 21 -6.70 -0.98 40.45
CA CYS D 21 -7.33 -1.19 39.14
C CYS D 21 -6.42 -0.67 38.05
N VAL D 22 -6.72 -1.05 36.82
CA VAL D 22 -5.91 -0.72 35.60
C VAL D 22 -6.84 -0.13 34.52
N VAL D 23 -6.32 0.87 33.81
CA VAL D 23 -6.90 1.42 32.56
C VAL D 23 -6.19 0.78 31.39
N ASN D 24 -6.96 0.11 30.56
CA ASN D 24 -6.51 -0.44 29.26
C ASN D 24 -6.62 0.66 28.22
N ALA D 25 -5.59 0.80 27.39
CA ALA D 25 -5.60 1.60 26.14
C ALA D 25 -6.30 0.74 25.08
N ALA D 26 -7.63 0.69 25.13
CA ALA D 26 -8.43 -0.31 24.40
C ALA D 26 -8.69 0.12 22.95
N ASN D 27 -9.03 -0.84 22.10
CA ASN D 27 -9.70 -0.58 20.80
C ASN D 27 -11.22 -0.67 20.98
N PRO D 28 -11.97 -0.07 20.06
CA PRO D 28 -13.44 -0.03 20.17
C PRO D 28 -14.12 -1.41 20.06
N ARG D 29 -13.42 -2.39 19.51
CA ARG D 29 -14.01 -3.72 19.15
C ARG D 29 -13.77 -4.75 20.26
N GLY D 30 -12.99 -4.43 21.30
CA GLY D 30 -12.64 -5.39 22.36
C GLY D 30 -11.67 -6.46 21.88
N LEU D 31 -10.87 -6.16 20.85
CA LEU D 31 -9.89 -7.11 20.29
C LEU D 31 -8.65 -7.10 21.16
N PRO D 32 -7.83 -8.19 21.15
CA PRO D 32 -6.58 -8.27 21.90
C PRO D 32 -5.56 -7.18 21.53
N GLY D 33 -5.52 -6.78 20.26
CA GLY D 33 -4.76 -5.58 19.86
C GLY D 33 -3.25 -5.79 19.96
N ASP D 34 -2.52 -4.70 20.22
CA ASP D 34 -1.04 -4.71 20.44
C ASP D 34 -0.66 -3.65 21.47
N GLY D 35 0.63 -3.51 21.76
CA GLY D 35 1.13 -2.61 22.81
C GLY D 35 0.52 -2.97 24.15
N VAL D 36 0.08 -1.93 24.89
CA VAL D 36 -0.57 -2.02 26.24
C VAL D 36 -1.74 -3.01 26.16
N CYS D 37 -2.55 -2.91 25.12
CA CYS D 37 -3.80 -3.68 24.98
C CYS D 37 -3.43 -5.18 24.98
N LYS D 38 -2.34 -5.54 24.28
CA LYS D 38 -1.92 -6.96 24.17
C LYS D 38 -1.45 -7.46 25.54
N ALA D 39 -0.71 -6.63 26.27
CA ALA D 39 -0.19 -6.99 27.62
C ALA D 39 -1.38 -7.15 28.58
N VAL D 40 -2.40 -6.30 28.44
CA VAL D 40 -3.61 -6.34 29.30
C VAL D 40 -4.38 -7.64 28.92
N TYR D 41 -4.48 -7.96 27.64
CA TYR D 41 -5.16 -9.21 27.18
C TYR D 41 -4.47 -10.48 27.76
N LYS D 42 -3.13 -10.48 27.80
CA LYS D 42 -2.35 -11.65 28.29
C LYS D 42 -2.49 -11.77 29.81
N LYS D 43 -2.61 -10.64 30.53
CA LYS D 43 -2.70 -10.63 32.01
C LYS D 43 -4.14 -10.88 32.47
N TRP D 44 -5.14 -10.24 31.87
CA TRP D 44 -6.54 -10.25 32.35
C TRP D 44 -7.49 -10.61 31.19
N PRO D 45 -7.30 -11.76 30.51
CA PRO D 45 -8.12 -12.11 29.33
C PRO D 45 -9.63 -12.10 29.60
N GLU D 46 -10.05 -12.47 30.83
CA GLU D 46 -11.49 -12.56 31.20
C GLU D 46 -12.14 -11.18 31.13
N SER D 47 -11.36 -10.10 31.29
CA SER D 47 -11.90 -8.71 31.29
C SER D 47 -12.27 -8.28 29.86
N PHE D 48 -12.01 -9.08 28.83
CA PHE D 48 -12.39 -8.72 27.43
C PHE D 48 -13.76 -9.26 27.02
N LYS D 49 -14.49 -9.90 27.93
CA LYS D 49 -15.86 -10.37 27.65
C LYS D 49 -16.80 -9.17 27.59
N ASN D 50 -17.34 -8.89 26.40
CA ASN D 50 -18.23 -7.72 26.13
C ASN D 50 -17.53 -6.41 26.53
N SER D 51 -16.24 -6.27 26.21
CA SER D 51 -15.46 -5.03 26.49
C SER D 51 -15.62 -3.99 25.39
N ALA D 52 -16.25 -4.33 24.27
CA ALA D 52 -16.37 -3.42 23.12
C ALA D 52 -17.15 -2.18 23.54
N THR D 53 -16.70 -1.01 23.08
CA THR D 53 -17.31 0.25 23.52
C THR D 53 -16.87 1.34 22.56
N PRO D 54 -17.66 2.41 22.36
CA PRO D 54 -17.31 3.37 21.35
C PRO D 54 -16.08 4.21 21.71
N VAL D 55 -15.49 4.88 20.73
CA VAL D 55 -14.48 5.97 20.94
C VAL D 55 -15.00 6.99 21.95
N GLY D 56 -14.14 7.47 22.85
CA GLY D 56 -14.54 8.50 23.84
C GLY D 56 -15.24 7.95 25.08
N THR D 57 -15.28 6.63 25.26
CA THR D 57 -16.02 5.96 26.36
C THR D 57 -15.09 5.03 27.12
N ALA D 58 -15.54 4.70 28.33
CA ALA D 58 -14.85 3.75 29.20
C ALA D 58 -15.83 2.64 29.59
N LYS D 59 -15.38 1.40 29.63
CA LYS D 59 -16.26 0.30 30.07
C LYS D 59 -15.45 -0.62 30.99
N THR D 60 -15.90 -0.76 32.22
CA THR D 60 -15.23 -1.57 33.27
C THR D 60 -15.73 -3.02 33.20
N VAL D 61 -14.80 -3.95 33.08
CA VAL D 61 -15.05 -5.42 33.19
C VAL D 61 -14.08 -6.00 34.22
N MET D 62 -14.63 -6.78 35.15
CA MET D 62 -13.87 -7.44 36.25
C MET D 62 -13.10 -8.64 35.69
N CYS D 63 -11.86 -8.83 36.15
CA CYS D 63 -11.11 -10.09 35.99
C CYS D 63 -10.98 -10.66 37.41
N GLY D 64 -11.81 -11.62 37.76
CA GLY D 64 -12.01 -11.91 39.20
C GLY D 64 -12.65 -10.74 39.92
N THR D 65 -11.95 -10.07 40.87
CA THR D 65 -12.47 -8.86 41.54
C THR D 65 -11.64 -7.63 41.12
N TYR D 66 -10.74 -7.77 40.17
CA TYR D 66 -9.78 -6.73 39.74
C TYR D 66 -10.38 -5.99 38.53
N PRO D 67 -10.71 -4.69 38.68
CA PRO D 67 -11.35 -3.94 37.62
C PRO D 67 -10.37 -3.54 36.52
N VAL D 68 -10.75 -3.83 35.28
CA VAL D 68 -10.05 -3.36 34.07
C VAL D 68 -10.98 -2.33 33.42
N ILE D 69 -10.55 -1.08 33.36
CA ILE D 69 -11.32 0.04 32.75
C ILE D 69 -10.82 0.16 31.30
N HIS D 70 -11.60 -0.38 30.36
CA HIS D 70 -11.28 -0.28 28.92
C HIS D 70 -11.61 1.14 28.45
N ALA D 71 -10.58 1.96 28.24
CA ALA D 71 -10.75 3.36 27.78
C ALA D 71 -10.38 3.45 26.31
N VAL D 72 -11.29 3.93 25.45
CA VAL D 72 -11.04 3.95 23.97
C VAL D 72 -10.71 5.37 23.50
N GLY D 73 -9.44 5.67 23.39
CA GLY D 73 -8.99 6.98 22.87
C GLY D 73 -9.11 6.97 21.36
N PRO D 74 -9.23 8.13 20.72
CA PRO D 74 -9.30 8.18 19.27
C PRO D 74 -7.99 7.81 18.58
N ASN D 75 -8.11 7.22 17.41
CA ASN D 75 -6.98 7.01 16.47
C ASN D 75 -6.83 8.26 15.59
N PHE D 76 -5.79 9.04 15.82
CA PHE D 76 -5.57 10.32 15.07
C PHE D 76 -5.19 10.00 13.62
N SER D 77 -4.93 8.77 13.23
CA SER D 77 -4.94 8.43 11.78
C SER D 77 -6.33 8.68 11.15
N ASN D 78 -7.41 8.52 11.92
CA ASN D 78 -8.81 8.54 11.43
C ASN D 78 -9.47 9.88 11.69
N TYR D 79 -9.17 10.50 12.84
CA TYR D 79 -9.84 11.73 13.36
C TYR D 79 -8.98 12.95 12.93
N THR D 80 -9.65 14.06 12.73
CA THR D 80 -8.98 15.39 12.66
C THR D 80 -8.40 15.75 14.02
N GLU D 81 -7.47 16.71 14.05
CA GLU D 81 -6.96 17.20 15.35
C GLU D 81 -8.09 17.69 16.22
N SER D 82 -9.05 18.39 15.63
CA SER D 82 -10.15 19.00 16.39
C SER D 82 -11.04 17.89 17.02
N GLU D 83 -11.55 16.98 16.19
CA GLU D 83 -12.54 15.95 16.66
C GLU D 83 -11.80 14.97 17.58
N GLY D 84 -10.58 14.58 17.22
CA GLY D 84 -9.67 13.78 18.06
C GLY D 84 -9.50 14.37 19.44
N ASP D 85 -9.17 15.66 19.54
CA ASP D 85 -8.91 16.32 20.84
C ASP D 85 -10.14 16.15 21.75
N ARG D 86 -11.33 16.27 21.15
CA ARG D 86 -12.61 16.24 21.89
C ARG D 86 -12.78 14.80 22.44
N GLU D 87 -12.53 13.78 21.63
CA GLU D 87 -12.71 12.35 22.03
C GLU D 87 -11.65 11.97 23.06
N LEU D 88 -10.41 12.50 22.97
CA LEU D 88 -9.34 12.17 23.94
C LEU D 88 -9.75 12.72 25.30
N ALA D 89 -10.24 13.97 25.38
CA ALA D 89 -10.82 14.56 26.62
C ALA D 89 -11.94 13.67 27.16
N ALA D 90 -12.83 13.18 26.30
CA ALA D 90 -14.02 12.42 26.75
C ALA D 90 -13.57 11.06 27.32
N ALA D 91 -12.62 10.36 26.67
CA ALA D 91 -12.18 9.02 27.17
C ALA D 91 -11.65 9.19 28.60
N TYR D 92 -10.83 10.19 28.85
CA TYR D 92 -10.30 10.43 30.20
C TYR D 92 -11.39 10.82 31.21
N ARG D 93 -12.34 11.68 30.79
CA ARG D 93 -13.54 12.04 31.60
C ARG D 93 -14.26 10.77 32.05
N GLU D 94 -14.53 9.86 31.10
CA GLU D 94 -15.26 8.59 31.39
C GLU D 94 -14.41 7.66 32.26
N VAL D 95 -13.07 7.67 32.12
CA VAL D 95 -12.17 6.92 33.06
C VAL D 95 -12.35 7.47 34.48
N ALA D 96 -12.32 8.79 34.66
CA ALA D 96 -12.40 9.42 36.00
C ALA D 96 -13.74 9.06 36.68
N LYS D 97 -14.83 9.01 35.92
CA LYS D 97 -16.18 8.67 36.44
C LYS D 97 -16.19 7.20 36.91
N GLU D 98 -15.53 6.30 36.18
CA GLU D 98 -15.42 4.86 36.59
C GLU D 98 -14.58 4.72 37.86
N VAL D 99 -13.46 5.43 37.99
CA VAL D 99 -12.56 5.39 39.17
C VAL D 99 -13.35 5.83 40.42
N THR D 100 -14.11 6.92 40.33
CA THR D 100 -14.97 7.42 41.42
C THR D 100 -16.01 6.35 41.74
N ARG D 101 -16.71 5.84 40.71
CA ARG D 101 -17.84 4.90 40.88
C ARG D 101 -17.33 3.63 41.58
N LEU D 102 -16.10 3.19 41.27
CA LEU D 102 -15.53 1.94 41.82
C LEU D 102 -15.07 2.15 43.25
N GLY D 103 -14.77 3.39 43.67
CA GLY D 103 -14.34 3.69 45.07
C GLY D 103 -12.91 3.26 45.35
N VAL D 104 -12.10 3.03 44.32
CA VAL D 104 -10.70 2.56 44.47
C VAL D 104 -9.85 3.68 45.08
N ASN D 105 -8.81 3.29 45.78
CA ASN D 105 -7.79 4.21 46.36
C ASN D 105 -6.70 4.50 45.33
N SER D 106 -6.53 3.67 44.30
CA SER D 106 -5.42 3.87 43.34
C SER D 106 -5.82 3.34 41.97
N VAL D 107 -5.12 3.83 40.95
CA VAL D 107 -5.35 3.43 39.53
C VAL D 107 -4.02 3.54 38.78
N ALA D 108 -3.74 2.53 37.95
CA ALA D 108 -2.67 2.46 36.93
C ALA D 108 -3.28 2.93 35.60
N ILE D 109 -2.64 3.90 34.94
N ILE D 109 -2.69 3.96 34.99
CA ILE D 109 -3.18 4.56 33.72
CA ILE D 109 -3.17 4.57 33.71
C ILE D 109 -2.05 4.78 32.71
C ILE D 109 -2.01 4.70 32.73
N PRO D 110 -2.26 4.36 31.45
CA PRO D 110 -1.35 4.65 30.37
C PRO D 110 -1.79 5.93 29.65
N LEU D 111 -0.90 6.54 28.87
CA LEU D 111 -1.25 7.78 28.12
C LEU D 111 -1.97 7.35 26.84
N LEU D 112 -3.28 7.59 26.79
CA LEU D 112 -4.15 7.22 25.68
C LEU D 112 -3.72 7.96 24.42
N SER D 113 -3.82 7.29 23.28
CA SER D 113 -3.62 7.83 21.92
C SER D 113 -2.17 8.30 21.69
N THR D 114 -1.19 7.79 22.42
CA THR D 114 0.24 8.20 22.26
C THR D 114 1.10 7.14 21.58
N GLY D 115 0.54 5.99 21.23
CA GLY D 115 1.25 4.93 20.52
C GLY D 115 0.79 4.84 19.08
N VAL D 116 0.24 3.69 18.70
CA VAL D 116 -0.19 3.42 17.30
C VAL D 116 -1.40 4.30 16.95
N TYR D 117 -2.07 4.88 17.95
CA TYR D 117 -3.24 5.81 17.73
C TYR D 117 -2.76 7.27 17.63
N SER D 118 -1.45 7.52 17.56
CA SER D 118 -0.88 8.90 17.64
C SER D 118 -0.89 9.59 16.28
N GLY D 119 -1.15 8.85 15.20
CA GLY D 119 -1.04 9.33 13.81
C GLY D 119 0.37 9.86 13.52
N GLY D 120 1.41 9.21 14.06
CA GLY D 120 2.84 9.53 13.84
C GLY D 120 3.30 10.81 14.54
N LYS D 121 2.56 11.31 15.52
CA LYS D 121 2.87 12.60 16.21
C LYS D 121 3.16 12.34 17.67
N ASP D 122 4.03 13.16 18.29
CA ASP D 122 4.29 13.11 19.74
C ASP D 122 3.10 13.76 20.44
N ARG D 123 2.32 13.00 21.20
CA ARG D 123 1.12 13.50 21.93
C ARG D 123 1.28 13.40 23.44
N LEU D 124 2.50 13.27 23.95
CA LEU D 124 2.74 13.20 25.42
C LEU D 124 2.07 14.36 26.15
N THR D 125 2.40 15.63 25.86
CA THR D 125 1.82 16.80 26.56
C THR D 125 0.28 16.81 26.41
N GLN D 126 -0.21 16.56 25.21
CA GLN D 126 -1.67 16.61 24.91
C GLN D 126 -2.40 15.52 25.73
N SER D 127 -1.90 14.29 25.70
CA SER D 127 -2.54 13.16 26.46
C SER D 127 -2.46 13.41 27.97
N LEU D 128 -1.31 13.89 28.45
CA LEU D 128 -1.08 14.14 29.90
C LEU D 128 -1.95 15.31 30.36
N ASN D 129 -2.20 16.34 29.55
CA ASN D 129 -3.08 17.45 29.98
C ASN D 129 -4.53 16.98 30.16
N HIS D 130 -5.07 16.17 29.26
CA HIS D 130 -6.45 15.62 29.38
C HIS D 130 -6.52 14.67 30.58
N LEU D 131 -5.47 13.89 30.84
CA LEU D 131 -5.37 12.98 32.03
C LEU D 131 -5.52 13.82 33.31
N PHE D 132 -4.72 14.87 33.50
CA PHE D 132 -4.77 15.71 34.73
C PHE D 132 -6.14 16.37 34.88
N THR D 133 -6.69 16.93 33.82
CA THR D 133 -8.00 17.62 33.87
C THR D 133 -9.07 16.64 34.36
N ALA D 134 -9.12 15.42 33.82
CA ALA D 134 -10.14 14.44 34.21
C ALA D 134 -9.87 13.95 35.64
N MET D 135 -8.65 13.49 35.91
CA MET D 135 -8.34 12.74 37.16
C MET D 135 -8.25 13.72 38.34
N ASP D 136 -8.16 15.04 38.11
CA ASP D 136 -8.16 16.02 39.24
C ASP D 136 -9.48 16.01 39.99
N SER D 137 -10.56 15.51 39.36
CA SER D 137 -11.92 15.39 39.95
C SER D 137 -12.00 14.19 40.90
N THR D 138 -11.01 13.29 40.90
CA THR D 138 -11.00 12.06 41.74
C THR D 138 -10.25 12.33 43.06
N ASP D 139 -10.18 11.34 43.95
CA ASP D 139 -9.35 11.40 45.19
C ASP D 139 -8.28 10.30 45.14
N ALA D 140 -8.11 9.62 44.00
CA ALA D 140 -7.28 8.39 43.90
C ALA D 140 -5.81 8.76 43.72
N ASP D 141 -4.92 7.88 44.22
CA ASP D 141 -3.49 7.85 43.83
C ASP D 141 -3.47 7.38 42.38
N VAL D 142 -2.97 8.21 41.49
CA VAL D 142 -2.86 7.91 40.03
C VAL D 142 -1.41 7.56 39.78
N VAL D 143 -1.17 6.42 39.16
CA VAL D 143 0.19 6.02 38.73
C VAL D 143 0.22 5.85 37.21
N ILE D 144 1.00 6.69 36.54
CA ILE D 144 1.12 6.71 35.07
C ILE D 144 2.24 5.76 34.67
N TYR D 145 1.96 4.87 33.72
CA TYR D 145 2.93 3.85 33.27
C TYR D 145 3.41 4.21 31.86
N CYS D 146 4.74 4.19 31.64
CA CYS D 146 5.40 4.40 30.33
C CYS D 146 6.52 3.37 30.18
N ARG D 147 7.14 3.28 29.01
CA ARG D 147 8.22 2.29 28.71
C ARG D 147 9.55 3.03 28.51
N ASP D 148 9.52 4.27 28.01
CA ASP D 148 10.73 5.02 27.56
C ASP D 148 11.27 5.90 28.69
N LYS D 149 12.61 5.95 28.82
CA LYS D 149 13.29 6.78 29.85
C LYS D 149 13.05 8.28 29.64
N GLU D 150 13.08 8.72 28.37
CA GLU D 150 12.83 10.12 27.96
C GLU D 150 11.40 10.51 28.38
N TRP D 151 10.43 9.65 28.08
CA TRP D 151 8.99 9.88 28.40
C TRP D 151 8.78 9.88 29.92
N GLU D 152 9.42 8.96 30.64
CA GLU D 152 9.41 8.95 32.12
C GLU D 152 9.86 10.32 32.63
N LYS D 153 10.96 10.83 32.10
CA LYS D 153 11.53 12.14 32.54
C LYS D 153 10.51 13.26 32.31
N LYS D 154 9.98 13.33 31.09
CA LYS D 154 9.02 14.40 30.68
C LYS D 154 7.74 14.32 31.51
N ILE D 155 7.17 13.11 31.73
CA ILE D 155 5.97 12.96 32.57
C ILE D 155 6.30 13.44 34.00
N SER D 156 7.47 13.05 34.51
CA SER D 156 7.91 13.47 35.87
C SER D 156 7.98 15.01 35.96
N GLU D 157 8.61 15.65 34.97
CA GLU D 157 8.74 17.13 34.92
C GLU D 157 7.34 17.71 34.91
N ALA D 158 6.44 17.18 34.09
CA ALA D 158 5.04 17.66 33.99
C ALA D 158 4.33 17.60 35.37
N ILE D 159 4.53 16.52 36.15
CA ILE D 159 3.89 16.37 37.48
C ILE D 159 4.47 17.44 38.43
N GLN D 160 5.79 17.58 38.40
CA GLN D 160 6.52 18.50 39.33
C GLN D 160 6.02 19.94 39.11
N MET D 161 5.78 20.31 37.85
CA MET D 161 5.52 21.71 37.45
C MET D 161 4.11 22.17 37.86
N ARG D 162 3.20 21.26 38.21
CA ARG D 162 1.82 21.62 38.66
C ARG D 162 1.76 21.92 40.17
N THR D 163 2.73 21.42 40.92
CA THR D 163 2.84 21.68 42.39
C THR D 163 3.39 23.10 42.61
S DMS E . 7.36 4.15 -0.04
O DMS E . 7.22 3.10 1.04
C1 DMS E . 8.32 3.41 -1.33
C2 DMS E . 8.59 5.30 0.54
S DMS F . 24.96 -5.78 2.35
O DMS F . 23.97 -5.49 3.45
C1 DMS F . 25.14 -7.54 2.32
C2 DMS F . 26.54 -5.39 3.04
S DMS G . 28.48 -6.53 -9.78
O DMS G . 28.40 -7.60 -8.72
C1 DMS G . 30.14 -6.60 -10.40
C2 DMS G . 28.61 -4.99 -8.91
C TRS H . 24.63 -20.77 11.21
C1 TRS H . 24.00 -21.20 9.90
C2 TRS H . 23.63 -20.03 12.10
C3 TRS H . 25.21 -21.98 11.97
N TRS H . 25.76 -19.82 10.91
O1 TRS H . 24.88 -21.99 9.11
O2 TRS H . 22.66 -20.90 12.66
O3 TRS H . 26.15 -21.59 12.94
S DMS I . 5.88 -14.94 8.14
O DMS I . 6.20 -15.37 6.75
C1 DMS I . 6.01 -13.17 8.15
C2 DMS I . 7.34 -15.26 9.12
S DMS J . 24.92 -7.97 -3.99
O DMS J . 23.81 -8.61 -3.19
C1 DMS J . 24.61 -6.22 -3.94
C2 DMS J . 24.51 -8.25 -5.70
S DMS K . 16.19 -14.37 -18.50
O DMS K . 14.76 -14.54 -18.85
C1 DMS K . 16.90 -13.43 -19.84
C2 DMS K . 17.00 -15.90 -18.87
CL CL L . 26.74 -8.47 -0.94
CL CL M . 25.37 -7.08 -10.71
CL CL N . 16.17 0.25 -12.41
S DMS O . 19.00 -0.27 -15.75
O DMS O . 19.22 -1.20 -14.57
C1 DMS O . 17.35 0.38 -15.58
C2 DMS O . 19.90 1.22 -15.36
S DMS P . 0.99 -1.46 4.78
O DMS P . 1.03 -1.70 3.29
C1 DMS P . 1.25 0.29 5.04
C2 DMS P . 2.54 -2.02 5.45
S DMS Q . 5.10 16.15 -21.57
O DMS Q . 5.08 15.04 -22.63
C1 DMS Q . 5.64 15.42 -20.07
C2 DMS Q . 3.41 16.47 -21.12
S DMS R . 11.49 13.86 -21.71
O DMS R . 12.58 12.84 -21.53
C1 DMS R . 11.03 13.72 -23.42
C2 DMS R . 12.43 15.33 -21.90
S DMS S . 1.85 22.09 -19.80
O DMS S . 1.89 20.96 -20.81
C1 DMS S . 0.13 22.38 -19.44
C2 DMS S . 2.18 23.59 -20.69
CL CL T . -0.76 18.77 -19.55
CL CL U . 7.97 16.88 -23.99
C TRS V . 14.30 9.80 -39.08
C1 TRS V . 15.02 10.73 -38.12
C2 TRS V . 12.80 9.78 -38.81
C3 TRS V . 14.58 10.22 -40.53
N TRS V . 14.85 8.42 -38.87
O1 TRS V . 14.20 11.80 -37.68
O2 TRS V . 12.09 10.83 -39.46
O3 TRS V . 15.54 11.26 -40.60
CL CL W . -4.75 7.28 -10.19
S DMS X . -15.51 -6.04 -6.29
O DMS X . -15.48 -5.00 -5.22
C1 DMS X . -16.68 -7.27 -5.76
C2 DMS X . -16.46 -5.36 -7.63
C4 4FL Y . -22.56 -6.45 -6.33
C7 4FL Y . -21.73 -7.98 -4.71
C5 4FL Y . -23.36 -5.90 -5.35
C6 4FL Y . -22.57 -7.39 -3.79
C1 4FL Y . -18.98 -8.96 -7.87
C 4FL Y . -19.85 -8.64 -8.86
C3 4FL Y . -21.72 -7.50 -6.02
C2 4FL Y . -20.77 -8.05 -7.00
N2 4FL Y . -23.38 -6.35 -4.08
N 4FL Y . -19.58 -8.58 -6.70
N1 4FL Y . -20.98 -8.07 -8.31
S DMS Z . -33.33 3.96 -8.75
O DMS Z . -32.27 5.01 -8.56
C1 DMS Z . -32.99 2.66 -7.61
C2 DMS Z . -32.98 3.11 -10.27
S DMS AA . -15.50 -1.31 -11.85
O DMS AA . -15.40 0.19 -11.72
C1 DMS AA . -14.58 -1.73 -13.32
C2 DMS AA . -14.37 -1.98 -10.67
S DMS BA . 0.27 4.01 24.56
O DMS BA . 0.73 2.85 23.73
C1 DMS BA . 1.26 4.00 26.03
C2 DMS BA . -1.28 3.53 25.29
S DMS CA . -0.84 -14.63 33.47
O DMS CA . -0.13 -13.29 33.34
C1 DMS CA . -0.75 -15.34 31.83
C2 DMS CA . -2.61 -14.30 33.53
S DMS DA . -4.43 -0.43 20.24
O DMS DA . -5.25 -1.62 20.71
C1 DMS DA . -2.80 -0.61 20.86
C2 DMS DA . -4.95 1.00 21.18
S DMS EA . -18.95 -3.43 36.70
O DMS EA . -17.80 -2.67 37.34
C1 DMS EA . -18.25 -4.75 35.74
C2 DMS EA . -19.56 -2.43 35.35
CL CL FA . -2.29 4.24 21.53
#